data_1OY5
#
_entry.id   1OY5
#
_cell.length_a   153.351
_cell.length_b   96.139
_cell.length_c   57.426
_cell.angle_alpha   90.00
_cell.angle_beta   96.24
_cell.angle_gamma   90.00
#
_symmetry.space_group_name_H-M   'C 1 2 1'
#
loop_
_entity.id
_entity.type
_entity.pdbx_description
1 polymer 'tRNA (Guanine-N(1)-)-methyltransferase'
2 water water
#
_entity_poly.entity_id   1
_entity_poly.type   'polypeptide(L)'
_entity_poly.pdbx_seq_one_letter_code
;MSSNPLRFFVLTIFPHIISCYSEYGIVKQAIKKGKVEVYPIDLREFAPKGQVDDVPYGGLPGMVLKPEPIYEAYDYVVEN
YGKPFVLITEPWGEKLNQKLVNELSKKERIMIICGRYEGVDERVKKIVDMEISLGDFILSGGEIVALAVIDAVSRVLPGV
LSEPQSIQEDSFQNRWLGYPVYTRPREYRGMKVPEELLSGHHKLIELWKLWHRIENTVKKRPDLIPKDLTELEKDILNSI
LSGKSFKEWLKEHKHLL
;
_entity_poly.pdbx_strand_id   A,B,C
#
# COMPACT_ATOMS: atom_id res chain seq x y z
N ASN A 4 5.86 -45.25 -4.74
CA ASN A 4 6.78 -44.19 -4.23
C ASN A 4 7.10 -43.14 -5.34
N PRO A 5 7.26 -41.86 -5.15
CA PRO A 5 7.05 -40.59 -4.45
C PRO A 5 7.54 -39.56 -5.46
N LEU A 6 6.65 -38.77 -6.07
CA LEU A 6 7.12 -37.71 -7.00
C LEU A 6 8.17 -36.79 -6.34
N ARG A 7 9.33 -36.66 -6.95
CA ARG A 7 10.42 -35.86 -6.39
C ARG A 7 10.68 -34.54 -7.15
N PHE A 8 10.75 -33.44 -6.40
CA PHE A 8 11.05 -32.12 -6.94
C PHE A 8 12.43 -31.70 -6.55
N PHE A 9 13.09 -30.98 -7.45
CA PHE A 9 14.43 -30.45 -7.22
C PHE A 9 14.35 -28.98 -7.57
N VAL A 10 14.55 -28.11 -6.60
CA VAL A 10 14.33 -26.69 -6.87
C VAL A 10 15.64 -25.90 -6.79
N LEU A 11 16.16 -25.51 -7.96
CA LEU A 11 17.41 -24.75 -8.04
C LEU A 11 17.11 -23.30 -7.72
N THR A 12 17.75 -22.79 -6.70
CA THR A 12 17.49 -21.46 -6.23
C THR A 12 18.61 -20.96 -5.34
N ILE A 13 18.76 -19.66 -5.26
CA ILE A 13 19.72 -19.02 -4.38
C ILE A 13 19.04 -18.75 -3.04
N PHE A 14 17.75 -19.06 -2.93
CA PHE A 14 16.99 -18.90 -1.69
C PHE A 14 16.32 -20.25 -1.29
N PRO A 15 17.16 -21.22 -0.99
CA PRO A 15 16.66 -22.53 -0.58
C PRO A 15 15.60 -22.42 0.49
N HIS A 16 15.85 -21.65 1.54
CA HIS A 16 14.95 -21.61 2.70
C HIS A 16 13.54 -21.21 2.39
N ILE A 17 13.33 -20.46 1.33
CA ILE A 17 11.99 -20.13 0.92
C ILE A 17 11.23 -21.41 0.61
N ILE A 18 11.88 -22.33 -0.09
CA ILE A 18 11.26 -23.58 -0.47
C ILE A 18 11.08 -24.50 0.75
N SER A 19 12.08 -24.57 1.59
CA SER A 19 12.00 -25.45 2.73
C SER A 19 10.91 -24.88 3.63
N CYS A 20 10.81 -23.57 3.76
CA CYS A 20 9.77 -23.03 4.62
C CYS A 20 8.32 -23.24 4.12
N TYR A 21 8.10 -23.37 2.82
CA TYR A 21 6.75 -23.54 2.30
C TYR A 21 6.34 -24.98 2.45
N SER A 22 7.32 -25.90 2.47
CA SER A 22 7.06 -27.34 2.58
C SER A 22 6.69 -27.84 3.96
N GLU A 23 6.66 -26.96 4.93
CA GLU A 23 6.39 -27.35 6.28
C GLU A 23 4.96 -27.19 6.62
N TYR A 24 4.16 -26.70 5.68
CA TYR A 24 2.74 -26.46 5.97
C TYR A 24 1.83 -26.85 4.85
N GLY A 25 0.56 -26.89 5.14
CA GLY A 25 -0.42 -27.17 4.13
C GLY A 25 -0.32 -28.52 3.45
N ILE A 26 -0.77 -28.55 2.22
CA ILE A 26 -0.88 -29.73 1.41
C ILE A 26 0.47 -30.26 1.04
N VAL A 27 1.47 -29.40 0.94
CA VAL A 27 2.77 -29.87 0.54
C VAL A 27 3.34 -30.70 1.68
N LYS A 28 3.10 -30.27 2.91
CA LYS A 28 3.60 -31.01 4.06
C LYS A 28 2.89 -32.34 4.20
N GLN A 29 1.59 -32.35 3.94
CA GLN A 29 0.80 -33.54 3.97
C GLN A 29 1.32 -34.53 2.91
N ALA A 30 1.49 -34.06 1.68
CA ALA A 30 2.03 -34.92 0.64
C ALA A 30 3.39 -35.50 1.07
N ILE A 31 4.22 -34.66 1.68
CA ILE A 31 5.53 -35.09 2.11
C ILE A 31 5.33 -36.07 3.25
N LYS A 32 4.46 -35.72 4.17
CA LYS A 32 4.16 -36.59 5.27
C LYS A 32 3.73 -37.99 4.81
N LYS A 33 2.84 -38.06 3.83
CA LYS A 33 2.33 -39.31 3.35
C LYS A 33 3.26 -40.03 2.39
N GLY A 34 4.40 -39.44 2.04
CA GLY A 34 5.33 -40.11 1.15
C GLY A 34 4.95 -40.00 -0.31
N LYS A 35 4.07 -39.06 -0.66
CA LYS A 35 3.64 -38.91 -2.04
C LYS A 35 4.54 -37.94 -2.74
N VAL A 36 5.20 -37.08 -2.00
CA VAL A 36 6.15 -36.20 -2.65
C VAL A 36 7.31 -35.92 -1.78
N GLU A 37 8.38 -35.50 -2.44
CA GLU A 37 9.58 -35.03 -1.81
C GLU A 37 10.04 -33.77 -2.56
N VAL A 38 10.53 -32.82 -1.79
CA VAL A 38 10.93 -31.52 -2.27
C VAL A 38 12.33 -31.29 -1.81
N TYR A 39 13.25 -31.24 -2.75
CA TYR A 39 14.64 -30.99 -2.46
C TYR A 39 15.10 -29.61 -2.94
N PRO A 40 15.17 -28.66 -2.04
CA PRO A 40 15.73 -27.35 -2.38
C PRO A 40 17.24 -27.51 -2.64
N ILE A 41 17.72 -27.00 -3.76
CA ILE A 41 19.13 -27.14 -4.12
C ILE A 41 19.69 -25.73 -4.18
N ASP A 42 20.58 -25.47 -3.27
CA ASP A 42 21.26 -24.20 -3.15
C ASP A 42 22.28 -23.98 -4.26
N LEU A 43 21.96 -23.02 -5.15
CA LEU A 43 22.86 -22.71 -6.29
C LEU A 43 24.27 -22.36 -5.88
N ARG A 44 24.37 -21.66 -4.78
CA ARG A 44 25.62 -21.27 -4.25
C ARG A 44 26.55 -22.45 -3.92
N GLU A 45 26.01 -23.58 -3.47
CA GLU A 45 26.85 -24.71 -3.08
C GLU A 45 27.35 -25.38 -4.29
N PHE A 46 26.86 -25.00 -5.45
CA PHE A 46 27.30 -25.60 -6.70
C PHE A 46 28.04 -24.66 -7.57
N ALA A 47 28.36 -23.47 -7.08
CA ALA A 47 29.08 -22.51 -7.87
C ALA A 47 30.59 -22.89 -7.81
N PRO A 48 31.12 -23.36 -8.93
CA PRO A 48 32.53 -23.68 -9.04
C PRO A 48 33.44 -22.61 -8.39
N LYS A 49 33.79 -21.55 -9.13
CA LYS A 49 34.56 -20.45 -8.57
C LYS A 49 33.70 -19.54 -7.66
N GLY A 50 32.98 -20.12 -6.70
CA GLY A 50 31.96 -19.44 -5.89
C GLY A 50 31.02 -18.34 -6.41
N GLN A 51 30.88 -18.19 -7.72
CA GLN A 51 30.13 -17.08 -8.31
C GLN A 51 28.79 -17.50 -8.94
N VAL A 52 27.62 -17.14 -8.42
CA VAL A 52 26.40 -17.60 -9.12
C VAL A 52 25.90 -16.68 -10.26
N ASP A 53 26.07 -15.37 -10.11
CA ASP A 53 25.57 -14.42 -11.11
C ASP A 53 26.75 -13.58 -11.59
N ASP A 54 26.60 -12.89 -12.70
CA ASP A 54 27.68 -12.10 -13.24
C ASP A 54 27.07 -11.10 -14.19
N VAL A 55 27.89 -10.17 -14.69
CA VAL A 55 27.46 -9.12 -15.60
C VAL A 55 27.25 -9.71 -16.99
N PRO A 56 26.11 -9.41 -17.60
CA PRO A 56 25.82 -9.92 -18.94
C PRO A 56 26.59 -9.21 -20.03
N TYR A 57 26.57 -9.74 -21.25
CA TYR A 57 27.32 -9.12 -22.35
C TYR A 57 26.38 -8.20 -23.11
N GLY A 58 26.92 -7.48 -24.07
CA GLY A 58 26.12 -6.56 -24.83
C GLY A 58 25.67 -5.40 -23.97
N GLY A 59 26.32 -5.25 -22.82
CA GLY A 59 26.04 -4.14 -21.91
C GLY A 59 24.58 -4.02 -21.56
N LEU A 60 24.21 -4.58 -20.41
CA LEU A 60 22.84 -4.48 -19.92
C LEU A 60 22.92 -4.08 -18.46
N PRO A 61 21.87 -3.42 -17.96
CA PRO A 61 21.80 -2.97 -16.57
C PRO A 61 21.53 -4.06 -15.53
N GLY A 62 22.49 -4.91 -15.21
CA GLY A 62 22.23 -5.83 -14.12
C GLY A 62 23.10 -7.07 -14.07
N MET A 63 22.50 -8.17 -13.67
CA MET A 63 23.24 -9.41 -13.64
C MET A 63 22.35 -10.56 -14.07
N VAL A 64 23.00 -11.56 -14.63
CA VAL A 64 22.33 -12.73 -15.15
C VAL A 64 22.85 -13.96 -14.41
N LEU A 65 22.06 -15.00 -14.28
CA LEU A 65 22.56 -16.20 -13.61
C LEU A 65 23.48 -16.92 -14.52
N LYS A 66 24.59 -17.38 -13.98
CA LYS A 66 25.60 -18.09 -14.77
C LYS A 66 25.24 -19.52 -15.08
N PRO A 67 25.82 -20.06 -16.14
CA PRO A 67 25.57 -21.46 -16.54
C PRO A 67 26.20 -22.53 -15.66
N GLU A 68 27.43 -22.31 -15.23
CA GLU A 68 28.16 -23.39 -14.54
C GLU A 68 27.39 -24.01 -13.39
N PRO A 69 26.95 -23.19 -12.45
CA PRO A 69 26.33 -23.69 -11.22
C PRO A 69 25.05 -24.44 -11.48
N ILE A 70 24.25 -23.94 -12.40
CA ILE A 70 23.04 -24.65 -12.81
C ILE A 70 23.37 -25.99 -13.49
N TYR A 71 24.39 -26.01 -14.34
CA TYR A 71 24.77 -27.26 -15.02
C TYR A 71 25.32 -28.29 -14.02
N GLU A 72 26.14 -27.79 -13.12
CA GLU A 72 26.67 -28.59 -12.02
C GLU A 72 25.49 -29.15 -11.17
N ALA A 73 24.54 -28.31 -10.80
CA ALA A 73 23.42 -28.77 -10.02
C ALA A 73 22.62 -29.86 -10.75
N TYR A 74 22.38 -29.62 -12.05
CA TYR A 74 21.70 -30.56 -12.94
C TYR A 74 22.44 -31.89 -12.91
N ASP A 75 23.75 -31.85 -13.19
CA ASP A 75 24.59 -33.03 -13.19
C ASP A 75 24.43 -33.81 -11.90
N TYR A 76 24.52 -33.13 -10.77
CA TYR A 76 24.37 -33.76 -9.47
C TYR A 76 23.03 -34.50 -9.38
N VAL A 77 21.95 -33.85 -9.78
CA VAL A 77 20.61 -34.46 -9.74
C VAL A 77 20.57 -35.73 -10.58
N VAL A 78 21.13 -35.62 -11.80
CA VAL A 78 21.16 -36.74 -12.73
C VAL A 78 21.89 -37.96 -12.17
N GLU A 79 23.07 -37.72 -11.56
CA GLU A 79 23.90 -38.79 -10.97
C GLU A 79 23.26 -39.40 -9.75
N ASN A 80 22.73 -38.57 -8.85
CA ASN A 80 22.19 -39.03 -7.57
C ASN A 80 20.73 -39.43 -7.51
N TYR A 81 19.94 -39.02 -8.48
CA TYR A 81 18.51 -39.32 -8.41
C TYR A 81 17.89 -39.78 -9.70
N GLY A 82 18.53 -39.54 -10.83
CA GLY A 82 17.87 -39.77 -12.10
C GLY A 82 17.62 -38.44 -12.79
N LYS A 83 17.61 -38.55 -14.10
CA LYS A 83 17.45 -37.42 -14.99
C LYS A 83 16.12 -36.82 -14.77
N PRO A 84 16.07 -35.52 -14.52
CA PRO A 84 14.83 -34.82 -14.32
C PRO A 84 14.23 -34.16 -15.53
N PHE A 85 12.90 -34.09 -15.53
CA PHE A 85 12.20 -33.31 -16.52
C PHE A 85 12.48 -31.88 -16.09
N VAL A 86 13.10 -31.06 -16.93
CA VAL A 86 13.52 -29.76 -16.46
C VAL A 86 12.58 -28.62 -16.81
N LEU A 87 12.17 -27.91 -15.76
CA LEU A 87 11.26 -26.79 -15.87
C LEU A 87 11.94 -25.53 -15.34
N ILE A 88 11.74 -24.42 -16.05
CA ILE A 88 12.33 -23.13 -15.70
C ILE A 88 11.23 -22.13 -15.59
N THR A 89 11.23 -21.38 -14.50
CA THR A 89 10.34 -20.27 -14.26
C THR A 89 11.23 -19.05 -14.24
N GLU A 90 10.99 -18.15 -15.17
CA GLU A 90 11.74 -16.89 -15.30
C GLU A 90 11.03 -15.73 -14.56
N PRO A 91 11.82 -14.82 -13.99
CA PRO A 91 11.30 -13.66 -13.24
C PRO A 91 9.99 -13.07 -13.80
N TRP A 92 9.79 -13.22 -15.11
CA TRP A 92 8.61 -12.67 -15.75
C TRP A 92 7.66 -13.77 -16.26
N GLY A 93 7.80 -14.99 -15.76
CA GLY A 93 7.02 -16.10 -16.28
C GLY A 93 6.12 -16.78 -15.26
N GLU A 94 4.80 -16.54 -15.40
CA GLU A 94 3.80 -17.14 -14.53
C GLU A 94 2.45 -17.29 -15.16
N LYS A 95 2.33 -18.21 -16.11
CA LYS A 95 1.05 -18.50 -16.73
C LYS A 95 0.94 -19.98 -17.11
N LEU A 96 0.75 -20.83 -16.09
CA LEU A 96 0.53 -22.27 -16.24
C LEU A 96 -0.98 -22.56 -16.10
N ASN A 97 -1.38 -23.83 -16.22
CA ASN A 97 -2.80 -24.19 -16.15
C ASN A 97 -3.05 -25.62 -15.62
N GLN A 98 -4.29 -25.97 -15.30
CA GLN A 98 -4.57 -27.27 -14.74
C GLN A 98 -4.12 -28.33 -15.69
N LYS A 99 -3.89 -27.92 -16.93
CA LYS A 99 -3.43 -28.82 -17.97
C LYS A 99 -2.08 -29.39 -17.54
N LEU A 100 -1.08 -28.51 -17.53
CA LEU A 100 0.27 -28.80 -17.07
C LEU A 100 0.28 -29.49 -15.70
N VAL A 101 -0.41 -28.89 -14.75
CA VAL A 101 -0.39 -29.41 -13.39
C VAL A 101 -0.58 -30.92 -13.47
N ASN A 102 -1.58 -31.35 -14.22
CA ASN A 102 -1.86 -32.79 -14.34
C ASN A 102 -0.76 -33.58 -15.03
N GLU A 103 -0.29 -33.08 -16.17
CA GLU A 103 0.80 -33.69 -16.92
C GLU A 103 2.01 -33.88 -16.00
N LEU A 104 2.30 -32.84 -15.21
CA LEU A 104 3.44 -32.81 -14.31
C LEU A 104 3.29 -33.81 -13.17
N SER A 105 2.05 -34.02 -12.74
CA SER A 105 1.73 -34.95 -11.65
C SER A 105 2.02 -36.36 -12.09
N LYS A 106 2.03 -36.61 -13.39
CA LYS A 106 2.31 -37.96 -13.88
C LYS A 106 3.82 -38.21 -14.00
N LYS A 107 4.62 -37.23 -13.66
CA LYS A 107 6.07 -37.41 -13.71
C LYS A 107 6.66 -37.98 -12.41
N GLU A 108 7.94 -38.29 -12.47
CA GLU A 108 8.65 -38.92 -11.37
C GLU A 108 9.70 -37.99 -10.81
N ARG A 109 10.34 -37.23 -11.70
CA ARG A 109 11.37 -36.29 -11.32
C ARG A 109 11.28 -34.96 -12.05
N ILE A 110 11.18 -33.91 -11.28
CA ILE A 110 11.06 -32.57 -11.83
C ILE A 110 12.09 -31.69 -11.16
N MET A 111 12.82 -30.96 -11.98
CA MET A 111 13.78 -30.01 -11.52
C MET A 111 13.25 -28.69 -12.02
N ILE A 112 13.18 -27.70 -11.13
CA ILE A 112 12.70 -26.38 -11.47
C ILE A 112 13.81 -25.40 -11.23
N ILE A 113 14.24 -24.72 -12.28
CA ILE A 113 15.32 -23.76 -12.19
C ILE A 113 14.65 -22.42 -11.94
N CYS A 114 14.93 -21.80 -10.77
CA CYS A 114 14.30 -20.55 -10.41
C CYS A 114 15.08 -19.38 -10.99
N GLY A 115 14.48 -18.63 -11.89
CA GLY A 115 15.16 -17.47 -12.46
C GLY A 115 15.38 -16.33 -11.46
N ARG A 116 16.25 -15.41 -11.87
CA ARG A 116 16.56 -14.21 -11.09
C ARG A 116 17.19 -13.16 -11.97
N TYR A 117 17.20 -11.93 -11.47
CA TYR A 117 17.87 -10.82 -12.16
C TYR A 117 17.40 -10.61 -13.61
N GLU A 118 18.34 -10.36 -14.50
CA GLU A 118 18.03 -10.23 -15.91
C GLU A 118 17.77 -11.56 -16.58
N GLY A 119 17.75 -12.66 -15.83
CA GLY A 119 17.53 -13.95 -16.45
C GLY A 119 18.66 -14.94 -16.31
N VAL A 120 18.53 -16.03 -17.07
CA VAL A 120 19.47 -17.12 -17.02
C VAL A 120 20.24 -17.18 -18.31
N ASP A 121 21.52 -17.45 -18.23
CA ASP A 121 22.30 -17.53 -19.44
C ASP A 121 21.56 -18.48 -20.34
N GLU A 122 21.36 -18.09 -21.59
CA GLU A 122 20.61 -18.92 -22.53
C GLU A 122 21.12 -20.36 -22.65
N ARG A 123 22.42 -20.57 -22.51
CA ARG A 123 22.98 -21.91 -22.71
C ARG A 123 22.40 -22.96 -21.76
N VAL A 124 21.67 -22.51 -20.75
CA VAL A 124 21.05 -23.41 -19.81
C VAL A 124 19.89 -24.07 -20.49
N LYS A 125 19.32 -23.35 -21.46
CA LYS A 125 18.16 -23.80 -22.20
C LYS A 125 18.32 -25.17 -22.87
N LYS A 126 19.55 -25.61 -23.09
CA LYS A 126 19.76 -26.89 -23.73
C LYS A 126 19.30 -28.06 -22.88
N ILE A 127 19.18 -27.87 -21.58
CA ILE A 127 18.73 -28.97 -20.73
C ILE A 127 17.40 -28.65 -20.13
N VAL A 128 16.73 -27.60 -20.63
CA VAL A 128 15.42 -27.20 -20.12
C VAL A 128 14.43 -27.83 -21.03
N ASP A 129 13.42 -28.48 -20.48
CA ASP A 129 12.39 -29.15 -21.27
C ASP A 129 11.20 -28.26 -21.51
N MET A 130 10.86 -27.47 -20.51
CA MET A 130 9.67 -26.64 -20.56
C MET A 130 9.91 -25.28 -19.92
N GLU A 131 9.28 -24.27 -20.47
CA GLU A 131 9.44 -22.94 -19.94
C GLU A 131 8.09 -22.34 -19.61
N ILE A 132 7.90 -21.92 -18.36
CA ILE A 132 6.66 -21.26 -17.95
C ILE A 132 6.54 -19.90 -18.64
N SER A 133 5.69 -19.84 -19.67
CA SER A 133 5.45 -18.63 -20.45
C SER A 133 5.20 -17.34 -19.66
N LEU A 134 5.44 -16.21 -20.31
CA LEU A 134 5.22 -14.88 -19.73
C LEU A 134 3.84 -14.86 -19.11
N GLY A 135 3.63 -13.98 -18.13
CA GLY A 135 2.36 -13.95 -17.41
C GLY A 135 1.61 -12.63 -17.19
N ASP A 136 2.10 -11.49 -17.65
CA ASP A 136 1.36 -10.21 -17.45
C ASP A 136 1.77 -9.36 -16.27
N PHE A 137 2.64 -9.86 -15.42
CA PHE A 137 3.17 -9.12 -14.29
C PHE A 137 4.60 -9.65 -14.06
N ILE A 138 5.39 -8.93 -13.25
CA ILE A 138 6.81 -9.22 -13.16
C ILE A 138 7.19 -9.50 -11.75
N LEU A 139 7.91 -10.58 -11.52
CA LEU A 139 8.37 -10.96 -10.21
C LEU A 139 9.86 -10.78 -10.17
N SER A 140 10.44 -10.77 -8.98
CA SER A 140 11.87 -10.58 -8.86
C SER A 140 12.58 -11.92 -8.93
N GLY A 141 11.83 -13.02 -8.93
CA GLY A 141 12.41 -14.35 -9.06
C GLY A 141 11.37 -15.45 -9.21
N GLY A 142 11.85 -16.63 -9.60
CA GLY A 142 11.01 -17.80 -9.89
C GLY A 142 10.61 -18.65 -8.72
N GLU A 143 11.04 -18.28 -7.54
CA GLU A 143 10.69 -19.05 -6.36
C GLU A 143 9.18 -19.22 -6.19
N ILE A 144 8.46 -18.13 -6.24
CA ILE A 144 7.01 -18.13 -6.08
C ILE A 144 6.29 -19.00 -7.13
N VAL A 145 6.86 -19.11 -8.31
CA VAL A 145 6.24 -19.87 -9.38
C VAL A 145 6.57 -21.31 -9.16
N ALA A 146 7.74 -21.55 -8.61
CA ALA A 146 8.13 -22.92 -8.31
C ALA A 146 7.19 -23.46 -7.25
N LEU A 147 6.90 -22.64 -6.24
CA LEU A 147 6.08 -23.11 -5.14
C LEU A 147 4.65 -23.39 -5.64
N ALA A 148 4.12 -22.47 -6.45
CA ALA A 148 2.83 -22.67 -7.04
C ALA A 148 2.80 -24.02 -7.75
N VAL A 149 3.80 -24.27 -8.58
CA VAL A 149 3.88 -25.54 -9.29
C VAL A 149 3.89 -26.75 -8.30
N ILE A 150 4.71 -26.67 -7.25
CA ILE A 150 4.79 -27.74 -6.25
C ILE A 150 3.44 -27.93 -5.55
N ASP A 151 2.79 -26.81 -5.24
CA ASP A 151 1.49 -26.80 -4.59
C ASP A 151 0.42 -27.42 -5.46
N ALA A 152 0.31 -26.94 -6.69
CA ALA A 152 -0.73 -27.39 -7.61
C ALA A 152 -0.66 -28.88 -7.90
N VAL A 153 0.55 -29.33 -8.20
CA VAL A 153 0.83 -30.71 -8.49
C VAL A 153 0.54 -31.64 -7.31
N SER A 154 1.00 -31.23 -6.13
CA SER A 154 0.86 -32.02 -4.92
C SER A 154 -0.57 -32.25 -4.57
N ARG A 155 -1.42 -31.24 -4.76
CA ARG A 155 -2.83 -31.40 -4.39
C ARG A 155 -3.64 -32.32 -5.32
N VAL A 156 -3.20 -32.53 -6.57
CA VAL A 156 -3.92 -33.43 -7.47
C VAL A 156 -3.29 -34.81 -7.45
N LEU A 157 -2.34 -35.03 -6.54
CA LEU A 157 -1.76 -36.38 -6.45
C LEU A 157 -2.71 -37.29 -5.67
N PRO A 158 -2.84 -38.51 -6.11
CA PRO A 158 -3.69 -39.47 -5.41
C PRO A 158 -3.12 -39.79 -4.03
N GLY A 159 -3.96 -39.78 -3.00
CA GLY A 159 -3.53 -40.06 -1.65
C GLY A 159 -3.31 -38.81 -0.77
N VAL A 160 -3.39 -37.62 -1.37
CA VAL A 160 -3.08 -36.38 -0.67
C VAL A 160 -4.35 -35.69 -0.15
N LEU A 161 -5.21 -35.29 -1.08
CA LEU A 161 -6.52 -34.72 -0.77
C LEU A 161 -7.54 -35.87 -0.66
N SER A 162 -8.11 -36.06 0.54
CA SER A 162 -9.21 -37.02 0.79
C SER A 162 -10.50 -36.98 -0.06
N GLU A 163 -10.34 -37.04 -1.38
CA GLU A 163 -11.37 -37.27 -2.46
C GLU A 163 -12.07 -36.21 -3.29
N PRO A 164 -11.39 -35.19 -3.69
CA PRO A 164 -11.49 -34.56 -5.00
C PRO A 164 -10.92 -35.40 -6.15
N TYR A 179 -19.97 -19.62 -7.22
CA TYR A 179 -21.07 -19.01 -6.49
C TYR A 179 -20.70 -18.87 -5.01
N PRO A 180 -21.25 -17.85 -4.37
CA PRO A 180 -21.06 -17.58 -2.95
C PRO A 180 -21.18 -18.77 -2.01
N VAL A 181 -20.42 -18.74 -0.92
CA VAL A 181 -20.43 -19.78 0.09
C VAL A 181 -20.59 -19.21 1.49
N TYR A 182 -21.15 -20.00 2.40
CA TYR A 182 -21.41 -19.56 3.76
C TYR A 182 -21.05 -20.64 4.76
N THR A 183 -20.80 -20.25 6.00
CA THR A 183 -20.51 -21.22 7.05
C THR A 183 -21.13 -20.93 8.44
N ARG A 184 -21.02 -21.94 9.30
CA ARG A 184 -21.80 -22.08 10.55
C ARG A 184 -22.34 -20.91 11.38
N PRO A 185 -21.61 -19.85 11.67
CA PRO A 185 -22.32 -18.65 12.13
C PRO A 185 -23.53 -18.28 11.27
N ARG A 186 -24.71 -18.71 11.69
CA ARG A 186 -25.95 -18.48 10.96
C ARG A 186 -26.26 -16.99 10.79
N GLU A 187 -26.07 -16.24 11.85
CA GLU A 187 -26.20 -14.79 11.77
C GLU A 187 -25.00 -14.15 12.46
N TYR A 188 -24.38 -13.18 11.81
CA TYR A 188 -23.23 -12.51 12.39
C TYR A 188 -23.24 -11.02 12.07
N ARG A 189 -22.98 -10.19 13.07
CA ARG A 189 -22.99 -8.74 12.88
C ARG A 189 -24.24 -8.33 12.12
N GLY A 190 -25.37 -8.98 12.40
CA GLY A 190 -26.61 -8.68 11.71
C GLY A 190 -26.69 -9.27 10.31
N MET A 191 -25.59 -9.81 9.81
CA MET A 191 -25.59 -10.43 8.49
C MET A 191 -26.08 -11.86 8.63
N LYS A 192 -27.14 -12.22 7.90
CA LYS A 192 -27.67 -13.57 7.98
C LYS A 192 -27.43 -14.38 6.71
N VAL A 193 -27.31 -15.70 6.89
CA VAL A 193 -27.14 -16.60 5.76
C VAL A 193 -28.46 -16.71 5.03
N PRO A 194 -28.43 -16.58 3.70
CA PRO A 194 -29.59 -16.89 2.88
C PRO A 194 -30.35 -18.13 3.38
N GLU A 195 -31.49 -17.85 4.00
CA GLU A 195 -32.37 -18.87 4.56
C GLU A 195 -32.54 -20.04 3.60
N GLU A 196 -32.57 -19.65 2.35
CA GLU A 196 -32.88 -20.49 1.24
C GLU A 196 -31.88 -21.60 1.07
N LEU A 197 -30.63 -21.33 1.43
CA LEU A 197 -29.65 -22.40 1.43
C LEU A 197 -29.89 -23.12 2.70
N LEU A 198 -30.95 -22.78 3.41
CA LEU A 198 -30.89 -23.23 4.78
C LEU A 198 -31.57 -24.53 5.20
N SER A 199 -32.84 -24.72 4.89
CA SER A 199 -33.46 -26.01 5.12
C SER A 199 -33.51 -26.43 3.66
N GLY A 200 -34.20 -27.49 3.26
CA GLY A 200 -34.09 -27.90 1.87
C GLY A 200 -34.08 -29.37 1.50
N HIS A 201 -35.26 -29.96 1.50
CA HIS A 201 -35.53 -31.23 0.80
C HIS A 201 -36.47 -30.59 -0.11
N HIS A 202 -37.06 -29.61 0.55
CA HIS A 202 -37.96 -28.68 -0.01
C HIS A 202 -37.03 -27.56 -0.49
N LYS A 203 -35.76 -27.93 -0.72
CA LYS A 203 -34.75 -27.02 -1.28
C LYS A 203 -33.71 -27.76 -2.14
N LEU A 204 -33.86 -29.07 -2.28
CA LEU A 204 -32.95 -29.89 -3.11
C LEU A 204 -32.83 -29.39 -4.53
N ILE A 205 -33.77 -28.55 -4.94
CA ILE A 205 -33.72 -27.94 -6.25
C ILE A 205 -33.52 -26.45 -6.00
N GLU A 206 -34.09 -25.96 -4.91
CA GLU A 206 -33.98 -24.54 -4.57
C GLU A 206 -32.56 -24.14 -4.19
N LEU A 207 -31.85 -25.02 -3.50
CA LEU A 207 -30.46 -24.74 -3.17
C LEU A 207 -29.71 -24.66 -4.49
N TRP A 208 -30.23 -25.38 -5.49
CA TRP A 208 -29.63 -25.39 -6.81
C TRP A 208 -30.03 -24.17 -7.62
N LYS A 209 -30.87 -23.32 -7.04
CA LYS A 209 -31.27 -22.09 -7.71
C LYS A 209 -30.23 -21.04 -7.38
N LEU A 210 -30.07 -20.76 -6.08
CA LEU A 210 -29.05 -19.82 -5.65
C LEU A 210 -27.78 -20.28 -6.36
N TRP A 211 -27.55 -21.59 -6.32
CA TRP A 211 -26.38 -22.20 -6.94
C TRP A 211 -26.11 -21.62 -8.32
N HIS A 212 -27.16 -21.42 -9.09
CA HIS A 212 -27.04 -20.92 -10.45
C HIS A 212 -27.36 -19.45 -10.52
N ARG A 213 -28.54 -19.10 -10.04
CA ARG A 213 -29.01 -17.73 -10.04
C ARG A 213 -27.89 -16.78 -9.64
N ILE A 214 -26.93 -17.30 -8.88
CA ILE A 214 -25.81 -16.47 -8.43
C ILE A 214 -24.47 -16.95 -8.95
N GLU A 215 -24.43 -18.16 -9.54
CA GLU A 215 -23.19 -18.74 -10.04
C GLU A 215 -22.73 -18.08 -11.34
N ASN A 216 -23.59 -17.30 -11.98
CA ASN A 216 -23.24 -16.66 -13.24
C ASN A 216 -22.89 -15.19 -13.07
N THR A 217 -23.53 -14.54 -12.10
CA THR A 217 -23.25 -13.13 -11.84
C THR A 217 -21.75 -12.95 -11.59
N VAL A 218 -21.25 -13.65 -10.59
CA VAL A 218 -19.86 -13.56 -10.18
C VAL A 218 -18.84 -14.15 -11.18
N LYS A 219 -19.31 -14.62 -12.34
CA LYS A 219 -18.44 -15.17 -13.39
C LYS A 219 -18.20 -14.18 -14.53
N LYS A 220 -19.21 -13.36 -14.82
CA LYS A 220 -19.12 -12.31 -15.83
C LYS A 220 -18.76 -10.98 -15.15
N ARG A 221 -18.46 -11.04 -13.85
CA ARG A 221 -18.12 -9.85 -13.06
C ARG A 221 -16.84 -10.03 -12.25
N PRO A 222 -15.78 -10.56 -12.86
CA PRO A 222 -14.48 -10.67 -12.19
C PRO A 222 -14.10 -9.47 -11.38
N ASP A 223 -14.42 -8.30 -11.92
CA ASP A 223 -14.02 -7.06 -11.32
C ASP A 223 -15.19 -6.10 -11.31
N LEU A 224 -15.22 -5.20 -12.28
CA LEU A 224 -16.25 -4.17 -12.32
C LEU A 224 -16.22 -3.41 -13.66
N ILE A 225 -16.13 -2.08 -13.61
CA ILE A 225 -16.12 -1.25 -14.83
C ILE A 225 -14.70 -0.81 -15.28
N PRO A 226 -13.79 -0.67 -14.33
CA PRO A 226 -12.37 -0.32 -14.51
C PRO A 226 -11.49 -0.64 -15.69
N LYS A 227 -11.48 -1.83 -16.27
CA LYS A 227 -10.52 -2.00 -17.35
C LYS A 227 -11.28 -2.24 -18.63
N ASP A 228 -12.51 -2.68 -18.42
CA ASP A 228 -13.49 -2.99 -19.44
C ASP A 228 -13.60 -1.96 -20.56
N LEU A 229 -13.58 -0.69 -20.19
CA LEU A 229 -13.74 0.38 -21.17
C LEU A 229 -12.47 0.52 -22.03
N THR A 230 -11.32 0.23 -21.44
CA THR A 230 -10.04 0.35 -22.14
C THR A 230 -9.54 -0.97 -22.71
N GLU A 231 -10.38 -2.01 -22.65
CA GLU A 231 -9.96 -3.32 -23.16
C GLU A 231 -11.09 -4.05 -23.90
N LEU A 232 -12.33 -3.90 -23.44
CA LEU A 232 -13.47 -4.55 -24.08
C LEU A 232 -13.77 -3.85 -25.40
N GLU A 233 -13.40 -2.58 -25.49
CA GLU A 233 -13.66 -1.77 -26.68
C GLU A 233 -12.45 -1.71 -27.60
N LYS A 234 -11.30 -2.16 -27.10
CA LYS A 234 -10.09 -2.18 -27.91
C LYS A 234 -10.25 -3.20 -29.03
N ASP A 235 -10.86 -4.33 -28.69
CA ASP A 235 -11.13 -5.40 -29.64
C ASP A 235 -12.42 -5.08 -30.39
N ASN B 4 15.99 26.20 16.12
CA ASN B 4 15.59 27.07 14.99
C ASN B 4 14.12 26.80 14.67
N PRO B 5 13.70 27.21 13.48
CA PRO B 5 12.35 27.64 13.11
C PRO B 5 11.19 27.47 14.07
N LEU B 6 10.31 28.47 14.11
CA LEU B 6 9.11 28.34 14.90
C LEU B 6 8.21 27.33 14.10
N ARG B 7 7.74 26.34 14.81
CA ARG B 7 6.92 25.31 14.22
C ARG B 7 5.51 25.26 14.82
N PHE B 8 4.50 25.29 13.96
CA PHE B 8 3.09 25.27 14.37
C PHE B 8 2.53 23.95 13.94
N PHE B 9 1.78 23.30 14.82
CA PHE B 9 1.12 22.05 14.46
C PHE B 9 -0.35 22.33 14.65
N VAL B 10 -1.11 22.31 13.56
CA VAL B 10 -2.52 22.69 13.61
C VAL B 10 -3.41 21.49 13.46
N LEU B 11 -4.10 21.13 14.53
CA LEU B 11 -4.96 19.95 14.54
C LEU B 11 -6.32 20.35 14.15
N THR B 12 -6.76 19.87 12.99
CA THR B 12 -8.05 20.24 12.46
C THR B 12 -8.60 19.17 11.52
N ILE B 13 -9.87 19.27 11.20
CA ILE B 13 -10.48 18.36 10.26
C ILE B 13 -10.45 18.98 8.86
N PHE B 14 -9.99 20.22 8.77
CA PHE B 14 -9.89 20.90 7.52
C PHE B 14 -8.43 21.36 7.32
N PRO B 15 -7.51 20.42 7.17
CA PRO B 15 -6.11 20.79 6.95
C PRO B 15 -5.87 21.61 5.70
N HIS B 16 -6.62 21.37 4.65
CA HIS B 16 -6.40 22.12 3.40
C HIS B 16 -6.57 23.62 3.63
N ILE B 17 -7.43 24.01 4.56
CA ILE B 17 -7.60 25.42 4.85
C ILE B 17 -6.31 26.00 5.42
N ILE B 18 -5.69 25.27 6.35
CA ILE B 18 -4.41 25.72 6.90
C ILE B 18 -3.34 25.84 5.80
N SER B 19 -3.09 24.77 5.06
CA SER B 19 -2.06 24.81 4.05
C SER B 19 -2.33 25.81 2.97
N CYS B 20 -3.60 26.09 2.73
CA CYS B 20 -3.95 27.08 1.70
C CYS B 20 -3.58 28.51 2.12
N TYR B 21 -3.79 28.82 3.41
CA TYR B 21 -3.46 30.13 3.95
C TYR B 21 -1.94 30.28 3.93
N SER B 22 -1.22 29.17 4.03
CA SER B 22 0.24 29.26 4.12
C SER B 22 0.93 29.50 2.79
N GLU B 23 0.17 29.67 1.74
CA GLU B 23 0.77 29.82 0.44
C GLU B 23 0.85 31.23 0.00
N TYR B 24 0.36 32.15 0.83
CA TYR B 24 0.40 33.56 0.50
C TYR B 24 0.82 34.41 1.62
N GLY B 25 1.05 35.67 1.29
CA GLY B 25 1.29 36.72 2.26
C GLY B 25 2.51 36.51 3.10
N ILE B 26 2.46 37.01 4.32
CA ILE B 26 3.56 36.96 5.25
C ILE B 26 3.89 35.54 5.70
N VAL B 27 2.87 34.71 5.96
CA VAL B 27 3.13 33.38 6.44
C VAL B 27 3.97 32.64 5.38
N LYS B 28 3.61 32.82 4.13
CA LYS B 28 4.34 32.19 3.04
C LYS B 28 5.80 32.61 3.06
N GLN B 29 6.01 33.87 3.32
CA GLN B 29 7.32 34.47 3.33
C GLN B 29 8.13 33.99 4.51
N ALA B 30 7.49 33.95 5.68
CA ALA B 30 8.13 33.48 6.88
C ALA B 30 8.61 32.04 6.67
N ILE B 31 7.77 31.25 6.01
CA ILE B 31 8.09 29.85 5.71
C ILE B 31 9.24 29.83 4.73
N LYS B 32 9.07 30.54 3.63
CA LYS B 32 10.10 30.61 2.60
C LYS B 32 11.46 31.02 3.19
N LYS B 33 11.43 31.95 4.14
CA LYS B 33 12.64 32.39 4.80
C LYS B 33 13.16 31.47 5.92
N GLY B 34 12.45 30.39 6.22
CA GLY B 34 12.93 29.44 7.22
C GLY B 34 12.78 29.85 8.69
N LYS B 35 11.88 30.81 8.95
CA LYS B 35 11.59 31.30 10.28
C LYS B 35 10.35 30.66 10.89
N VAL B 36 9.45 30.13 10.07
CA VAL B 36 8.33 29.36 10.61
C VAL B 36 8.04 28.15 9.75
N GLU B 37 7.43 27.16 10.42
CA GLU B 37 6.92 25.97 9.78
C GLU B 37 5.50 25.70 10.27
N VAL B 38 4.64 25.29 9.33
CA VAL B 38 3.24 25.02 9.56
C VAL B 38 2.88 23.62 9.12
N TYR B 39 2.50 22.82 10.10
CA TYR B 39 2.11 21.47 9.88
C TYR B 39 0.65 21.27 10.27
N PRO B 40 -0.21 21.25 9.28
CA PRO B 40 -1.61 20.90 9.51
C PRO B 40 -1.68 19.41 9.83
N ILE B 41 -2.28 19.06 10.98
CA ILE B 41 -2.46 17.69 11.32
C ILE B 41 -3.94 17.40 11.09
N ASP B 42 -4.20 16.36 10.33
CA ASP B 42 -5.56 15.98 10.05
C ASP B 42 -6.12 15.12 11.18
N LEU B 43 -6.99 15.70 12.01
CA LEU B 43 -7.57 14.95 13.12
C LEU B 43 -8.18 13.60 12.71
N ARG B 44 -8.70 13.49 11.49
CA ARG B 44 -9.34 12.21 11.08
C ARG B 44 -8.36 11.07 10.98
N GLU B 45 -7.13 11.32 10.59
CA GLU B 45 -6.11 10.30 10.53
C GLU B 45 -5.77 9.69 11.90
N PHE B 46 -6.33 10.25 12.98
CA PHE B 46 -6.06 9.75 14.34
C PHE B 46 -7.35 9.19 14.98
N ALA B 47 -8.42 9.02 14.20
CA ALA B 47 -9.67 8.48 14.72
C ALA B 47 -9.91 7.04 14.32
N PRO B 48 -10.53 6.30 15.24
CA PRO B 48 -10.77 4.88 15.02
C PRO B 48 -11.31 4.68 13.57
N LYS B 49 -12.53 5.13 13.33
CA LYS B 49 -13.17 4.98 12.01
C LYS B 49 -13.36 6.33 11.36
N GLY B 50 -12.48 7.27 11.67
CA GLY B 50 -12.60 8.63 11.15
C GLY B 50 -13.58 9.49 11.95
N GLN B 51 -14.25 8.87 12.93
CA GLN B 51 -15.18 9.56 13.84
C GLN B 51 -14.47 10.37 14.91
N VAL B 52 -14.41 11.68 14.74
CA VAL B 52 -13.73 12.50 15.69
C VAL B 52 -14.65 13.26 16.63
N ASP B 53 -15.95 13.07 16.46
CA ASP B 53 -16.94 13.79 17.22
C ASP B 53 -18.07 12.81 17.53
N ASP B 54 -18.71 12.95 18.68
CA ASP B 54 -19.74 12.03 19.07
C ASP B 54 -20.74 12.82 19.83
N VAL B 55 -21.84 12.17 20.15
CA VAL B 55 -22.88 12.83 20.89
C VAL B 55 -22.44 13.09 22.33
N PRO B 56 -22.72 14.27 22.87
CA PRO B 56 -22.35 14.59 24.24
C PRO B 56 -23.26 13.99 25.25
N TYR B 57 -22.83 14.03 26.51
CA TYR B 57 -23.63 13.48 27.60
C TYR B 57 -24.50 14.54 28.24
N GLY B 58 -25.40 14.09 29.11
CA GLY B 58 -26.28 15.03 29.79
C GLY B 58 -27.16 15.73 28.77
N GLY B 59 -27.19 15.17 27.55
CA GLY B 59 -28.08 15.62 26.48
C GLY B 59 -27.88 17.00 25.91
N LEU B 60 -27.15 17.10 24.81
CA LEU B 60 -26.94 18.40 24.17
C LEU B 60 -27.10 18.42 22.64
N PRO B 61 -27.78 19.43 22.12
CA PRO B 61 -27.95 19.67 20.68
C PRO B 61 -26.73 19.69 19.80
N GLY B 62 -25.99 18.61 19.70
CA GLY B 62 -24.88 18.68 18.79
C GLY B 62 -23.89 17.60 18.98
N MET B 63 -22.64 17.94 18.75
CA MET B 63 -21.58 16.99 18.79
C MET B 63 -20.43 17.66 19.47
N VAL B 64 -19.58 16.85 20.07
CA VAL B 64 -18.43 17.33 20.72
C VAL B 64 -17.28 16.51 20.23
N LEU B 65 -16.13 17.16 20.06
CA LEU B 65 -14.93 16.48 19.62
C LEU B 65 -14.51 15.44 20.69
N LYS B 66 -14.14 14.25 20.24
CA LYS B 66 -13.73 13.20 21.12
C LYS B 66 -12.32 13.38 21.66
N PRO B 67 -12.04 12.83 22.82
CA PRO B 67 -10.73 12.93 23.44
C PRO B 67 -9.63 12.13 22.78
N GLU B 68 -9.95 10.90 22.35
CA GLU B 68 -8.90 9.99 21.84
C GLU B 68 -8.09 10.58 20.68
N PRO B 69 -8.73 11.02 19.61
CA PRO B 69 -7.96 11.50 18.45
C PRO B 69 -7.07 12.66 18.78
N ILE B 70 -7.58 13.54 19.63
CA ILE B 70 -6.79 14.70 19.99
C ILE B 70 -5.58 14.25 20.78
N TYR B 71 -5.79 13.31 21.71
CA TYR B 71 -4.72 12.79 22.54
C TYR B 71 -3.77 12.06 21.71
N GLU B 72 -4.30 11.36 20.72
CA GLU B 72 -3.47 10.51 19.88
C GLU B 72 -2.64 11.45 19.00
N ALA B 73 -3.20 12.60 18.65
CA ALA B 73 -2.50 13.58 17.83
C ALA B 73 -1.39 14.28 18.62
N TYR B 74 -1.70 14.59 19.87
CA TYR B 74 -0.74 15.19 20.77
C TYR B 74 0.49 14.28 20.95
N ASP B 75 0.23 13.00 21.21
CA ASP B 75 1.32 12.01 21.35
C ASP B 75 2.20 11.93 20.12
N TYR B 76 1.59 11.95 18.95
CA TYR B 76 2.32 11.92 17.70
C TYR B 76 3.24 13.15 17.55
N VAL B 77 2.78 14.33 17.98
CA VAL B 77 3.56 15.53 17.86
C VAL B 77 4.78 15.47 18.80
N VAL B 78 4.53 14.99 20.01
CA VAL B 78 5.55 14.88 21.05
C VAL B 78 6.66 13.94 20.63
N GLU B 79 6.28 12.76 20.13
CA GLU B 79 7.24 11.77 19.66
C GLU B 79 8.04 12.23 18.45
N ASN B 80 7.38 12.89 17.51
CA ASN B 80 8.01 13.25 16.25
C ASN B 80 8.70 14.60 16.24
N TYR B 81 8.16 15.52 17.01
CA TYR B 81 8.75 16.84 17.16
C TYR B 81 8.91 17.03 18.65
N GLY B 82 9.37 18.15 19.12
CA GLY B 82 9.39 18.18 20.57
C GLY B 82 8.01 18.12 21.27
N LYS B 83 8.01 18.42 22.56
CA LYS B 83 6.81 18.65 23.29
C LYS B 83 6.35 20.05 22.95
N PRO B 84 5.11 20.23 22.52
CA PRO B 84 4.58 21.54 22.19
C PRO B 84 3.82 22.28 23.26
N PHE B 85 3.89 23.60 23.14
CA PHE B 85 3.14 24.47 24.00
C PHE B 85 1.72 24.41 23.39
N VAL B 86 0.75 23.86 24.11
CA VAL B 86 -0.61 23.62 23.57
C VAL B 86 -1.64 24.78 23.63
N LEU B 87 -2.09 25.21 22.47
CA LEU B 87 -3.13 26.24 22.33
C LEU B 87 -4.47 25.69 21.85
N ILE B 88 -5.55 26.11 22.50
CA ILE B 88 -6.88 25.66 22.07
C ILE B 88 -7.79 26.79 21.61
N THR B 89 -8.28 26.74 20.38
CA THR B 89 -9.19 27.76 19.86
C THR B 89 -10.54 27.13 19.65
N GLU B 90 -11.49 27.53 20.47
CA GLU B 90 -12.83 27.02 20.45
C GLU B 90 -13.71 27.86 19.53
N PRO B 91 -14.90 27.35 19.27
CA PRO B 91 -15.90 28.04 18.42
C PRO B 91 -16.29 29.46 18.87
N TRP B 92 -16.17 29.74 20.16
CA TRP B 92 -16.58 31.02 20.74
C TRP B 92 -15.40 31.82 21.30
N GLY B 93 -14.17 31.37 21.04
CA GLY B 93 -13.00 32.02 21.57
C GLY B 93 -12.15 32.72 20.50
N GLU B 94 -12.15 34.03 20.54
CA GLU B 94 -11.32 34.79 19.65
C GLU B 94 -10.96 36.14 20.20
N LYS B 95 -10.15 36.20 21.25
CA LYS B 95 -9.79 37.49 21.88
C LYS B 95 -8.33 37.54 22.34
N LEU B 96 -7.41 37.52 21.39
CA LEU B 96 -5.99 37.66 21.66
C LEU B 96 -5.55 39.13 21.58
N ASN B 97 -4.28 39.40 21.85
CA ASN B 97 -3.75 40.74 21.81
C ASN B 97 -2.26 40.72 21.52
N GLN B 98 -1.63 41.85 21.24
CA GLN B 98 -0.23 41.79 20.84
C GLN B 98 0.60 41.12 21.90
N LYS B 99 0.14 41.21 23.15
CA LYS B 99 0.88 40.67 24.27
C LYS B 99 1.07 39.18 24.05
N LEU B 100 -0.04 38.51 23.84
CA LEU B 100 0.01 37.11 23.55
C LEU B 100 0.85 36.82 22.32
N VAL B 101 0.63 37.57 21.25
CA VAL B 101 1.35 37.33 20.03
C VAL B 101 2.86 37.31 20.28
N ASN B 102 3.40 38.36 20.86
CA ASN B 102 4.85 38.40 21.15
C ASN B 102 5.39 37.22 22.00
N GLU B 103 4.63 36.82 23.03
CA GLU B 103 4.99 35.71 23.87
C GLU B 103 5.14 34.48 23.02
N LEU B 104 4.13 34.23 22.19
CA LEU B 104 4.06 33.01 21.38
C LEU B 104 5.19 33.07 20.38
N SER B 105 5.56 34.28 20.02
CA SER B 105 6.62 34.43 19.06
C SER B 105 7.89 33.84 19.64
N LYS B 106 8.05 33.96 20.95
CA LYS B 106 9.31 33.58 21.61
C LYS B 106 9.39 32.09 21.86
N LYS B 107 8.36 31.34 21.53
CA LYS B 107 8.45 29.88 21.68
C LYS B 107 9.12 29.23 20.49
N GLU B 108 9.10 27.89 20.49
CA GLU B 108 9.71 27.05 19.46
C GLU B 108 8.70 26.09 18.78
N ARG B 109 7.78 25.56 19.57
CA ARG B 109 6.80 24.59 19.13
C ARG B 109 5.44 24.89 19.67
N ILE B 110 4.48 25.10 18.78
CA ILE B 110 3.12 25.46 19.15
C ILE B 110 2.09 24.60 18.45
N MET B 111 1.25 23.97 19.26
CA MET B 111 0.14 23.12 18.79
C MET B 111 -1.20 23.86 19.02
N ILE B 112 -1.99 23.99 17.99
CA ILE B 112 -3.30 24.65 18.09
C ILE B 112 -4.37 23.62 17.81
N ILE B 113 -5.16 23.38 18.85
CA ILE B 113 -6.27 22.42 18.72
C ILE B 113 -7.44 23.24 18.23
N CYS B 114 -7.95 22.92 17.05
CA CYS B 114 -9.06 23.73 16.48
C CYS B 114 -10.37 23.14 16.91
N GLY B 115 -11.05 23.80 17.82
CA GLY B 115 -12.32 23.31 18.30
C GLY B 115 -13.36 23.27 17.19
N ARG B 116 -14.48 22.57 17.42
CA ARG B 116 -15.62 22.51 16.51
C ARG B 116 -16.86 22.10 17.31
N TYR B 117 -18.05 22.37 16.75
CA TYR B 117 -19.32 21.93 17.31
C TYR B 117 -19.57 22.49 18.73
N GLU B 118 -20.00 21.67 19.65
CA GLU B 118 -20.29 22.17 21.00
C GLU B 118 -19.06 22.31 21.87
N GLY B 119 -17.88 22.08 21.31
CA GLY B 119 -16.67 22.19 22.06
C GLY B 119 -15.81 20.96 21.95
N VAL B 120 -14.80 20.91 22.78
CA VAL B 120 -13.90 19.81 22.79
C VAL B 120 -14.15 19.27 24.17
N ASP B 121 -14.08 17.99 24.28
CA ASP B 121 -14.24 17.39 25.52
C ASP B 121 -13.27 17.95 26.49
N GLU B 122 -13.68 18.02 27.76
CA GLU B 122 -12.88 18.66 28.81
C GLU B 122 -11.64 17.93 29.19
N ARG B 123 -11.66 16.62 29.09
CA ARG B 123 -10.47 15.86 29.40
C ARG B 123 -9.24 16.21 28.56
N VAL B 124 -9.47 16.84 27.42
CA VAL B 124 -8.39 17.30 26.58
C VAL B 124 -7.65 18.50 27.22
N LYS B 125 -8.30 19.18 28.14
CA LYS B 125 -7.72 20.35 28.78
C LYS B 125 -6.45 20.08 29.62
N LYS B 126 -6.29 18.84 30.06
CA LYS B 126 -5.12 18.44 30.82
C LYS B 126 -3.80 18.66 30.06
N ILE B 127 -3.86 18.67 28.74
CA ILE B 127 -2.68 18.88 27.95
C ILE B 127 -2.74 20.19 27.22
N VAL B 128 -3.65 21.06 27.61
CA VAL B 128 -3.73 22.40 27.06
C VAL B 128 -3.00 23.39 27.93
N ASP B 129 -2.15 24.22 27.35
CA ASP B 129 -1.48 25.22 28.15
C ASP B 129 -2.22 26.53 28.14
N MET B 130 -2.92 26.81 27.06
CA MET B 130 -3.60 28.08 27.00
C MET B 130 -4.86 27.98 26.17
N GLU B 131 -5.88 28.71 26.59
CA GLU B 131 -7.16 28.68 25.91
C GLU B 131 -7.54 30.10 25.53
N ILE B 132 -7.72 30.35 24.24
CA ILE B 132 -8.14 31.66 23.80
C ILE B 132 -9.50 32.02 24.38
N SER B 133 -9.53 32.99 25.29
CA SER B 133 -10.76 33.42 25.94
C SER B 133 -11.86 33.81 24.96
N LEU B 134 -13.08 33.74 25.45
CA LEU B 134 -14.23 34.11 24.66
C LEU B 134 -13.99 35.46 24.08
N GLY B 135 -14.46 35.62 22.85
CA GLY B 135 -14.52 36.90 22.17
C GLY B 135 -16.01 37.01 22.10
N ASP B 136 -16.54 38.11 21.62
CA ASP B 136 -17.97 38.29 21.72
C ASP B 136 -18.83 37.88 20.51
N PHE B 137 -18.32 36.98 19.68
CA PHE B 137 -19.11 36.47 18.55
C PHE B 137 -18.79 34.98 18.39
N ILE B 138 -19.52 34.29 17.52
CA ILE B 138 -19.37 32.85 17.40
C ILE B 138 -19.00 32.35 16.03
N LEU B 139 -17.97 31.51 15.98
CA LEU B 139 -17.55 30.87 14.76
C LEU B 139 -17.98 29.42 14.76
N SER B 140 -17.91 28.79 13.62
CA SER B 140 -18.24 27.39 13.54
C SER B 140 -17.00 26.52 13.76
N GLY B 141 -15.84 27.11 14.03
CA GLY B 141 -14.64 26.32 14.23
C GLY B 141 -13.46 27.13 14.61
N GLY B 142 -12.38 26.53 15.08
CA GLY B 142 -11.18 27.24 15.50
C GLY B 142 -10.15 27.57 14.45
N GLU B 143 -10.44 27.26 13.21
CA GLU B 143 -9.47 27.43 12.15
C GLU B 143 -9.03 28.87 11.90
N ILE B 144 -10.00 29.75 11.79
CA ILE B 144 -9.79 31.15 11.54
C ILE B 144 -8.98 31.77 12.64
N VAL B 145 -9.19 31.34 13.88
CA VAL B 145 -8.43 31.89 15.00
C VAL B 145 -7.04 31.28 14.93
N ALA B 146 -6.95 29.97 14.66
CA ALA B 146 -5.65 29.34 14.38
C ALA B 146 -4.87 30.19 13.35
N LEU B 147 -5.48 30.50 12.22
CA LEU B 147 -4.79 31.30 11.20
C LEU B 147 -4.44 32.72 11.71
N ALA B 148 -5.34 33.37 12.43
CA ALA B 148 -5.03 34.68 12.99
C ALA B 148 -3.77 34.63 13.86
N VAL B 149 -3.63 33.55 14.60
CA VAL B 149 -2.50 33.40 15.47
C VAL B 149 -1.25 33.16 14.63
N ILE B 150 -1.30 32.22 13.71
CA ILE B 150 -0.16 31.98 12.82
C ILE B 150 0.29 33.26 12.06
N ASP B 151 -0.67 34.11 11.78
CA ASP B 151 -0.38 35.28 11.01
C ASP B 151 0.26 36.30 11.90
N ALA B 152 -0.47 36.65 12.96
CA ALA B 152 -0.01 37.64 13.92
C ALA B 152 1.42 37.29 14.40
N VAL B 153 1.66 36.06 14.77
CA VAL B 153 2.99 35.68 15.23
C VAL B 153 4.05 35.74 14.13
N SER B 154 3.79 35.17 12.98
CA SER B 154 4.75 35.22 11.88
C SER B 154 5.22 36.63 11.55
N ARG B 155 4.29 37.55 11.51
CA ARG B 155 4.71 38.88 11.13
C ARG B 155 5.67 39.54 12.15
N VAL B 156 5.59 39.21 13.44
CA VAL B 156 6.53 39.81 14.42
C VAL B 156 7.85 39.03 14.57
N LEU B 157 7.99 37.89 13.89
CA LEU B 157 9.25 37.17 13.97
C LEU B 157 10.41 37.90 13.31
N PRO B 158 11.57 37.90 13.95
CA PRO B 158 12.71 38.64 13.38
C PRO B 158 13.16 38.06 12.06
N GLY B 159 13.25 38.90 11.03
CA GLY B 159 13.65 38.43 9.72
C GLY B 159 12.49 38.24 8.79
N VAL B 160 11.26 38.46 9.26
CA VAL B 160 10.14 38.34 8.35
C VAL B 160 9.69 39.69 7.81
N LEU B 161 9.22 40.57 8.69
CA LEU B 161 8.79 41.88 8.21
C LEU B 161 10.04 42.62 8.16
N SER B 162 10.45 43.01 6.97
CA SER B 162 11.70 43.69 6.92
C SER B 162 11.47 45.15 7.28
N GLU B 163 11.28 45.22 8.59
CA GLU B 163 11.18 46.40 9.41
C GLU B 163 9.95 47.34 9.33
N PRO B 164 8.82 46.90 8.76
CA PRO B 164 7.55 47.51 9.14
C PRO B 164 7.42 47.37 10.66
N TYR B 179 -4.17 57.35 12.72
CA TYR B 179 -4.42 58.44 11.78
C TYR B 179 -4.59 57.96 10.34
N PRO B 180 -5.35 58.69 9.56
CA PRO B 180 -5.59 58.34 8.15
C PRO B 180 -4.36 58.39 7.28
N VAL B 181 -4.27 57.47 6.33
CA VAL B 181 -3.16 57.36 5.40
C VAL B 181 -3.58 57.60 3.98
N TYR B 182 -2.64 57.99 3.14
CA TYR B 182 -2.86 58.33 1.75
C TYR B 182 -1.71 57.87 0.85
N THR B 183 -2.04 57.58 -0.39
CA THR B 183 -1.04 57.18 -1.33
C THR B 183 -1.17 57.90 -2.70
N ARG B 184 -0.23 57.57 -3.56
CA ARG B 184 0.13 58.30 -4.79
C ARG B 184 -0.85 59.10 -5.54
N PRO B 185 -1.98 58.51 -5.91
CA PRO B 185 -2.96 59.29 -6.64
C PRO B 185 -3.13 60.59 -5.84
N ARG B 186 -2.49 61.66 -6.27
CA ARG B 186 -2.56 62.95 -5.57
C ARG B 186 -4.00 63.50 -5.44
N GLU B 187 -4.75 63.38 -6.52
CA GLU B 187 -6.15 63.77 -6.57
C GLU B 187 -6.83 62.68 -7.38
N TYR B 188 -7.94 62.15 -6.87
CA TYR B 188 -8.67 61.12 -7.60
C TYR B 188 -10.17 61.33 -7.40
N ARG B 189 -10.92 61.38 -8.48
CA ARG B 189 -12.34 61.62 -8.41
C ARG B 189 -12.57 62.95 -7.67
N GLY B 190 -11.70 63.92 -7.87
CA GLY B 190 -11.90 65.18 -7.20
C GLY B 190 -11.52 65.16 -5.72
N MET B 191 -11.06 63.99 -5.23
CA MET B 191 -10.62 63.87 -3.85
C MET B 191 -9.08 64.08 -3.76
N LYS B 192 -8.67 65.11 -3.05
CA LYS B 192 -7.27 65.45 -3.00
C LYS B 192 -6.61 65.11 -1.67
N VAL B 193 -5.40 64.53 -1.74
CA VAL B 193 -4.58 64.29 -0.56
C VAL B 193 -4.34 65.62 0.19
N PRO B 194 -4.50 65.62 1.51
CA PRO B 194 -4.29 66.82 2.30
C PRO B 194 -2.92 67.43 2.04
N GLU B 195 -2.92 68.63 1.46
CA GLU B 195 -1.71 69.37 1.07
C GLU B 195 -0.58 69.31 2.09
N GLU B 196 -0.90 69.28 3.37
CA GLU B 196 0.12 69.19 4.38
C GLU B 196 0.97 67.99 4.05
N LEU B 197 0.39 66.80 4.06
CA LEU B 197 1.13 65.58 3.81
C LEU B 197 2.06 65.69 2.62
N LEU B 198 1.82 66.62 1.71
CA LEU B 198 2.74 66.76 0.58
C LEU B 198 3.66 68.01 0.67
N SER B 199 4.96 67.76 0.75
CA SER B 199 5.89 68.86 0.77
C SER B 199 6.03 69.37 2.17
N GLY B 200 7.15 69.09 2.80
CA GLY B 200 7.35 69.56 4.16
C GLY B 200 8.78 69.47 4.57
N HIS B 201 9.35 70.65 4.73
CA HIS B 201 10.69 70.90 5.20
C HIS B 201 10.17 71.96 6.13
N HIS B 202 9.06 72.48 5.65
CA HIS B 202 8.27 73.49 6.27
C HIS B 202 7.01 72.75 6.76
N LYS B 203 7.13 71.42 6.77
CA LYS B 203 6.09 70.55 7.26
C LYS B 203 6.63 69.40 8.11
N LEU B 204 7.92 69.34 8.38
CA LEU B 204 8.44 68.30 9.25
C LEU B 204 7.55 68.23 10.50
N ILE B 205 7.26 69.40 11.06
CA ILE B 205 6.49 69.48 12.29
C ILE B 205 5.02 69.63 11.96
N GLU B 206 4.74 70.18 10.79
CA GLU B 206 3.36 70.32 10.36
C GLU B 206 2.76 68.95 10.07
N LEU B 207 3.50 68.14 9.32
CA LEU B 207 3.08 66.78 9.03
C LEU B 207 2.78 66.09 10.34
N TRP B 208 3.50 66.44 11.39
CA TRP B 208 3.26 65.82 12.68
C TRP B 208 2.06 66.45 13.35
N LYS B 209 1.49 67.46 12.71
CA LYS B 209 0.27 68.09 13.21
C LYS B 209 -0.91 67.25 12.76
N LEU B 210 -1.09 67.06 11.45
CA LEU B 210 -2.17 66.20 11.01
C LEU B 210 -1.95 64.93 11.83
N TRP B 211 -0.73 64.44 11.86
CA TRP B 211 -0.47 63.19 12.57
C TRP B 211 -1.24 63.12 13.89
N HIS B 212 -1.32 64.22 14.62
CA HIS B 212 -1.96 64.19 15.94
C HIS B 212 -3.34 64.82 15.94
N ARG B 213 -3.47 65.95 15.29
CA ARG B 213 -4.76 66.60 15.19
C ARG B 213 -5.83 65.65 14.67
N ILE B 214 -5.36 64.51 14.15
CA ILE B 214 -6.21 63.48 13.56
C ILE B 214 -5.96 62.10 14.12
N GLU B 215 -4.84 61.85 14.78
CA GLU B 215 -4.55 60.48 15.26
C GLU B 215 -5.36 60.11 16.51
N ASN B 216 -6.07 61.10 17.06
CA ASN B 216 -6.88 60.92 18.27
C ASN B 216 -8.36 60.76 17.95
N THR B 217 -8.82 61.50 16.93
CA THR B 217 -10.24 61.54 16.59
C THR B 217 -10.69 60.14 16.24
N VAL B 218 -9.89 59.51 15.40
CA VAL B 218 -10.18 58.12 14.99
C VAL B 218 -9.94 57.07 16.12
N LYS B 219 -9.31 57.46 17.22
CA LYS B 219 -9.08 56.58 18.36
C LYS B 219 -10.24 56.54 19.36
N LYS B 220 -10.92 57.68 19.56
CA LYS B 220 -12.07 57.73 20.45
C LYS B 220 -13.37 57.55 19.70
N ARG B 221 -13.28 57.33 18.40
CA ARG B 221 -14.44 57.16 17.55
C ARG B 221 -14.42 55.84 16.82
N PRO B 222 -13.92 54.77 17.45
CA PRO B 222 -13.98 53.42 16.89
C PRO B 222 -15.26 53.08 16.15
N ASP B 223 -16.37 53.70 16.51
CA ASP B 223 -17.57 53.42 15.77
C ASP B 223 -18.46 54.55 15.36
N LEU B 224 -19.28 54.97 16.31
CA LEU B 224 -20.22 56.02 16.10
C LEU B 224 -21.01 56.03 17.42
N ILE B 225 -22.31 56.32 17.35
CA ILE B 225 -23.18 56.42 18.52
C ILE B 225 -23.90 55.12 18.96
N PRO B 226 -24.38 54.32 18.02
CA PRO B 226 -25.07 53.07 18.36
C PRO B 226 -24.31 52.14 19.33
N LYS B 227 -22.99 51.98 19.17
CA LYS B 227 -22.23 51.13 20.09
C LYS B 227 -21.96 51.86 21.39
N ASP B 228 -21.85 53.19 21.31
CA ASP B 228 -21.60 54.02 22.49
C ASP B 228 -22.90 54.35 23.24
N LEU B 229 -23.98 53.69 22.88
CA LEU B 229 -25.26 53.89 23.57
C LEU B 229 -25.45 52.86 24.67
N THR B 230 -25.71 51.62 24.28
CA THR B 230 -25.87 50.55 25.27
C THR B 230 -24.47 50.06 25.64
N GLU B 231 -23.72 50.90 26.35
CA GLU B 231 -22.36 50.57 26.75
C GLU B 231 -21.61 51.77 27.34
N LEU B 232 -21.35 52.77 26.50
CA LEU B 232 -20.59 53.95 26.93
C LEU B 232 -21.42 54.57 28.04
N GLU B 233 -22.70 54.22 28.03
CA GLU B 233 -23.65 54.72 29.00
C GLU B 233 -24.22 53.59 29.83
N LYS B 234 -23.61 52.41 29.79
CA LYS B 234 -24.15 51.28 30.53
C LYS B 234 -23.21 50.68 31.58
N ASP B 235 -22.75 51.43 32.58
CA ASP B 235 -21.75 50.78 33.42
C ASP B 235 -21.13 49.45 33.10
N ASN C 4 4.67 6.96 6.50
CA ASN C 4 3.59 6.18 5.82
C ASN C 4 4.14 5.26 4.72
N PRO C 5 5.27 4.62 5.00
CA PRO C 5 5.76 3.47 4.25
C PRO C 5 4.71 2.38 3.98
N LEU C 6 4.65 1.81 2.79
CA LEU C 6 3.62 0.79 2.43
C LEU C 6 3.58 -0.42 3.35
N ARG C 7 2.52 -0.55 4.12
CA ARG C 7 2.36 -1.66 5.04
C ARG C 7 1.39 -2.72 4.51
N PHE C 8 1.88 -3.95 4.53
CA PHE C 8 1.12 -5.12 4.08
C PHE C 8 0.70 -5.95 5.30
N PHE C 9 -0.56 -6.34 5.35
CA PHE C 9 -1.12 -7.15 6.43
C PHE C 9 -1.72 -8.41 5.86
N VAL C 10 -1.06 -9.55 6.03
CA VAL C 10 -1.47 -10.78 5.38
C VAL C 10 -2.15 -11.73 6.36
N LEU C 11 -3.44 -12.00 6.08
CA LEU C 11 -4.29 -12.84 6.94
C LEU C 11 -4.20 -14.28 6.50
N THR C 12 -3.74 -15.15 7.39
CA THR C 12 -3.45 -16.52 7.04
C THR C 12 -3.21 -17.39 8.25
N ILE C 13 -3.43 -18.68 8.04
CA ILE C 13 -3.25 -19.66 9.08
C ILE C 13 -1.82 -20.12 9.07
N PHE C 14 -1.04 -19.59 8.13
CA PHE C 14 0.38 -19.92 8.05
C PHE C 14 1.23 -18.67 8.01
N PRO C 15 1.33 -17.93 9.10
CA PRO C 15 2.06 -16.67 9.07
C PRO C 15 3.57 -16.85 8.81
N HIS C 16 4.19 -17.92 9.29
CA HIS C 16 5.61 -18.15 9.07
C HIS C 16 5.99 -18.18 7.59
N ILE C 17 5.08 -18.56 6.72
CA ILE C 17 5.40 -18.62 5.31
C ILE C 17 5.62 -17.23 4.77
N ILE C 18 4.91 -16.27 5.35
CA ILE C 18 5.00 -14.89 4.96
C ILE C 18 6.29 -14.30 5.54
N SER C 19 6.55 -14.54 6.81
CA SER C 19 7.75 -14.05 7.45
C SER C 19 8.95 -14.51 6.70
N CYS C 20 8.86 -15.73 6.24
CA CYS C 20 9.99 -16.36 5.65
C CYS C 20 10.31 -15.78 4.28
N TYR C 21 9.27 -15.55 3.49
CA TYR C 21 9.49 -14.95 2.19
C TYR C 21 10.03 -13.50 2.28
N SER C 22 9.77 -12.82 3.40
CA SER C 22 10.18 -11.43 3.56
C SER C 22 11.64 -11.30 4.02
N GLU C 23 12.31 -12.43 4.18
CA GLU C 23 13.68 -12.42 4.65
C GLU C 23 14.69 -12.52 3.56
N TYR C 24 14.23 -12.61 2.31
CA TYR C 24 15.14 -12.72 1.19
C TYR C 24 14.81 -11.79 0.06
N GLY C 25 15.71 -11.69 -0.90
CA GLY C 25 15.46 -10.92 -2.09
C GLY C 25 14.93 -9.49 -1.90
N ILE C 26 14.07 -9.09 -2.84
CA ILE C 26 13.59 -7.73 -2.96
C ILE C 26 12.62 -7.31 -1.89
N VAL C 27 11.86 -8.24 -1.35
CA VAL C 27 10.98 -7.87 -0.26
C VAL C 27 11.86 -7.47 0.95
N LYS C 28 12.90 -8.25 1.20
CA LYS C 28 13.79 -8.00 2.33
C LYS C 28 14.58 -6.70 2.09
N GLN C 29 14.91 -6.44 0.84
CA GLN C 29 15.60 -5.23 0.50
C GLN C 29 14.67 -4.02 0.70
N ALA C 30 13.41 -4.18 0.27
CA ALA C 30 12.39 -3.16 0.42
C ALA C 30 12.12 -2.80 1.89
N ILE C 31 12.03 -3.81 2.75
CA ILE C 31 11.84 -3.65 4.18
C ILE C 31 13.04 -2.96 4.83
N LYS C 32 14.22 -3.44 4.47
CA LYS C 32 15.48 -2.94 5.01
C LYS C 32 15.63 -1.47 4.68
N LYS C 33 15.13 -1.06 3.52
CA LYS C 33 15.19 0.34 3.10
C LYS C 33 13.95 1.13 3.51
N GLY C 34 13.15 0.59 4.41
CA GLY C 34 12.02 1.32 4.94
C GLY C 34 10.93 1.64 3.94
N LYS C 35 10.94 0.98 2.78
CA LYS C 35 9.91 1.22 1.77
C LYS C 35 8.68 0.34 1.91
N VAL C 36 8.79 -0.81 2.56
CA VAL C 36 7.61 -1.63 2.81
C VAL C 36 7.69 -2.28 4.15
N GLU C 37 6.55 -2.65 4.71
CA GLU C 37 6.51 -3.47 5.91
C GLU C 37 5.48 -4.54 5.64
N VAL C 38 5.73 -5.75 6.16
CA VAL C 38 4.86 -6.90 6.00
C VAL C 38 4.47 -7.49 7.34
N TYR C 39 3.17 -7.50 7.64
CA TYR C 39 2.69 -8.02 8.89
C TYR C 39 1.84 -9.26 8.68
N PRO C 40 2.38 -10.41 9.03
CA PRO C 40 1.60 -11.63 8.94
C PRO C 40 0.64 -11.71 10.12
N ILE C 41 -0.67 -11.69 9.86
CA ILE C 41 -1.64 -11.82 10.94
C ILE C 41 -2.13 -13.26 10.93
N ASP C 42 -1.93 -13.93 12.05
CA ASP C 42 -2.33 -15.29 12.25
C ASP C 42 -3.83 -15.37 12.51
N LEU C 43 -4.60 -15.96 11.60
CA LEU C 43 -6.02 -16.12 11.78
C LEU C 43 -6.34 -16.86 13.08
N ARG C 44 -5.47 -17.76 13.46
CA ARG C 44 -5.79 -18.56 14.62
C ARG C 44 -5.77 -17.78 15.92
N GLU C 45 -5.06 -16.66 15.95
CA GLU C 45 -5.00 -15.84 17.16
C GLU C 45 -6.26 -15.02 17.26
N PHE C 46 -7.15 -15.14 16.30
CA PHE C 46 -8.41 -14.44 16.37
C PHE C 46 -9.53 -15.42 16.39
N ALA C 47 -9.21 -16.64 16.71
CA ALA C 47 -10.23 -17.65 16.73
C ALA C 47 -10.20 -18.47 18.00
N PRO C 48 -11.37 -18.71 18.55
CA PRO C 48 -11.54 -19.75 19.54
C PRO C 48 -10.79 -20.96 19.10
N LYS C 49 -11.10 -22.13 19.60
CA LYS C 49 -10.25 -23.31 19.40
C LYS C 49 -9.72 -23.44 18.00
N GLY C 50 -8.98 -22.43 17.55
CA GLY C 50 -8.43 -22.40 16.22
C GLY C 50 -9.40 -22.89 15.17
N GLN C 51 -10.62 -23.26 15.59
CA GLN C 51 -11.68 -23.56 14.65
C GLN C 51 -11.82 -22.23 13.89
N VAL C 52 -11.07 -22.10 12.79
CA VAL C 52 -11.11 -20.93 11.91
C VAL C 52 -11.88 -21.30 10.65
N ASP C 53 -12.33 -22.53 10.60
CA ASP C 53 -13.07 -23.00 9.44
C ASP C 53 -14.16 -23.88 9.97
N ASP C 54 -15.25 -24.02 9.23
CA ASP C 54 -16.32 -24.91 9.67
C ASP C 54 -17.01 -25.48 8.46
N VAL C 55 -17.88 -26.45 8.74
CA VAL C 55 -18.60 -27.12 7.68
C VAL C 55 -19.54 -26.10 7.06
N PRO C 56 -19.57 -26.03 5.75
CA PRO C 56 -20.41 -25.06 5.06
C PRO C 56 -21.83 -25.53 5.09
N TYR C 57 -22.73 -24.70 4.57
CA TYR C 57 -24.13 -25.02 4.54
C TYR C 57 -24.48 -25.74 3.25
N GLY C 58 -25.72 -26.19 3.14
CA GLY C 58 -26.21 -26.69 1.88
C GLY C 58 -25.41 -27.90 1.46
N GLY C 59 -24.73 -28.49 2.44
CA GLY C 59 -23.98 -29.71 2.26
C GLY C 59 -22.94 -29.70 1.15
N LEU C 60 -21.71 -29.39 1.54
CA LEU C 60 -20.58 -29.40 0.63
C LEU C 60 -19.43 -30.18 1.26
N PRO C 61 -18.65 -30.82 0.39
CA PRO C 61 -17.52 -31.67 0.82
C PRO C 61 -16.29 -30.90 1.26
N GLY C 62 -16.35 -30.27 2.43
CA GLY C 62 -15.17 -29.61 2.92
C GLY C 62 -15.48 -28.63 4.01
N MET C 63 -14.62 -27.63 4.14
CA MET C 63 -14.81 -26.64 5.17
C MET C 63 -14.57 -25.26 4.60
N VAL C 64 -15.19 -24.26 5.21
CA VAL C 64 -15.08 -22.87 4.78
C VAL C 64 -14.54 -21.98 5.90
N LEU C 65 -13.86 -20.91 5.54
CA LEU C 65 -13.35 -20.01 6.56
C LEU C 65 -14.49 -19.21 7.15
N LYS C 66 -14.53 -19.15 8.47
CA LYS C 66 -15.58 -18.45 9.18
C LYS C 66 -15.48 -16.92 9.04
N PRO C 67 -16.60 -16.25 9.22
CA PRO C 67 -16.65 -14.80 9.25
C PRO C 67 -15.96 -14.15 10.44
N GLU C 68 -16.21 -14.66 11.65
CA GLU C 68 -15.70 -14.00 12.87
C GLU C 68 -14.20 -13.68 12.94
N PRO C 69 -13.31 -14.67 12.79
CA PRO C 69 -11.87 -14.40 12.91
C PRO C 69 -11.36 -13.42 11.88
N ILE C 70 -11.86 -13.53 10.65
CA ILE C 70 -11.47 -12.58 9.61
C ILE C 70 -11.95 -11.18 9.95
N TYR C 71 -13.18 -11.03 10.46
CA TYR C 71 -13.70 -9.71 10.82
C TYR C 71 -12.93 -9.16 12.01
N GLU C 72 -12.59 -10.06 12.92
CA GLU C 72 -11.92 -9.68 14.13
C GLU C 72 -10.53 -9.16 13.79
N ALA C 73 -9.83 -9.89 12.94
CA ALA C 73 -8.50 -9.52 12.48
C ALA C 73 -8.61 -8.21 11.64
N TYR C 74 -9.66 -8.05 10.87
CA TYR C 74 -9.85 -6.80 10.15
C TYR C 74 -9.90 -5.63 11.19
N ASP C 75 -10.78 -5.74 12.18
CA ASP C 75 -10.93 -4.71 13.19
C ASP C 75 -9.60 -4.40 13.84
N TYR C 76 -8.87 -5.45 14.23
CA TYR C 76 -7.57 -5.30 14.88
C TYR C 76 -6.64 -4.46 14.03
N VAL C 77 -6.70 -4.64 12.71
CA VAL C 77 -5.82 -3.90 11.82
C VAL C 77 -6.29 -2.46 11.67
N VAL C 78 -7.60 -2.24 11.53
CA VAL C 78 -8.14 -0.90 11.38
C VAL C 78 -7.84 -0.09 12.62
N GLU C 79 -7.83 -0.75 13.77
CA GLU C 79 -7.59 -0.10 15.06
C GLU C 79 -6.14 0.20 15.30
N ASN C 80 -5.28 -0.78 15.08
CA ASN C 80 -3.85 -0.59 15.38
C ASN C 80 -3.07 0.11 14.30
N TYR C 81 -3.59 0.07 13.08
CA TYR C 81 -2.98 0.71 11.94
C TYR C 81 -4.17 1.33 11.32
N GLY C 82 -4.04 1.98 10.18
CA GLY C 82 -5.21 2.59 9.56
C GLY C 82 -6.18 1.60 8.94
N LYS C 83 -7.23 2.13 8.31
CA LYS C 83 -8.16 1.32 7.55
C LYS C 83 -7.40 0.81 6.35
N PRO C 84 -7.32 -0.49 6.17
CA PRO C 84 -6.60 -1.02 5.01
C PRO C 84 -7.46 -1.21 3.77
N PHE C 85 -6.80 -1.19 2.61
CA PHE C 85 -7.45 -1.53 1.35
C PHE C 85 -7.49 -3.09 1.37
N VAL C 86 -8.69 -3.69 1.39
CA VAL C 86 -8.81 -5.13 1.53
C VAL C 86 -8.81 -5.95 0.21
N LEU C 87 -7.80 -6.82 0.10
CA LEU C 87 -7.63 -7.66 -1.07
C LEU C 87 -7.83 -9.10 -0.66
N ILE C 88 -8.44 -9.92 -1.50
CA ILE C 88 -8.65 -11.32 -1.15
C ILE C 88 -8.13 -12.28 -2.26
N THR C 89 -7.33 -13.25 -1.84
CA THR C 89 -6.79 -14.25 -2.74
C THR C 89 -7.41 -15.60 -2.42
N GLU C 90 -8.29 -16.06 -3.32
CA GLU C 90 -8.94 -17.34 -3.13
C GLU C 90 -8.05 -18.47 -3.67
N PRO C 91 -8.35 -19.69 -3.24
CA PRO C 91 -7.61 -20.89 -3.69
C PRO C 91 -7.52 -21.08 -5.22
N TRP C 92 -8.47 -20.53 -5.96
CA TRP C 92 -8.50 -20.67 -7.43
C TRP C 92 -8.27 -19.33 -8.17
N GLY C 93 -7.86 -18.29 -7.46
CA GLY C 93 -7.72 -16.98 -8.06
C GLY C 93 -6.29 -16.47 -8.13
N GLU C 94 -5.71 -16.46 -9.32
CA GLU C 94 -4.37 -15.90 -9.43
C GLU C 94 -4.07 -15.34 -10.78
N LYS C 95 -4.74 -14.25 -11.14
CA LYS C 95 -4.55 -13.63 -12.45
C LYS C 95 -4.45 -12.10 -12.36
N LEU C 96 -3.36 -11.61 -11.81
CA LEU C 96 -3.11 -10.18 -11.77
C LEU C 96 -2.28 -9.79 -12.98
N ASN C 97 -2.00 -8.50 -13.10
CA ASN C 97 -1.20 -7.94 -14.19
C ASN C 97 -0.47 -6.69 -13.65
N GLN C 98 0.51 -6.18 -14.39
CA GLN C 98 1.26 -5.02 -13.92
C GLN C 98 0.39 -3.82 -13.51
N LYS C 99 -0.79 -3.74 -14.11
CA LYS C 99 -1.75 -2.68 -13.85
C LYS C 99 -2.09 -2.62 -12.36
N LEU C 100 -2.57 -3.73 -11.82
CA LEU C 100 -2.95 -3.82 -10.43
C LEU C 100 -1.79 -3.57 -9.51
N VAL C 101 -0.67 -4.18 -9.86
CA VAL C 101 0.53 -4.06 -9.09
C VAL C 101 0.88 -2.60 -8.93
N ASN C 102 0.91 -1.87 -10.05
CA ASN C 102 1.16 -0.43 -10.04
C ASN C 102 0.12 0.29 -9.21
N GLU C 103 -1.15 0.00 -9.45
CA GLU C 103 -2.23 0.60 -8.68
C GLU C 103 -2.02 0.43 -7.20
N LEU C 104 -1.67 -0.78 -6.82
CA LEU C 104 -1.51 -1.13 -5.42
C LEU C 104 -0.28 -0.44 -4.86
N SER C 105 0.75 -0.30 -5.69
CA SER C 105 2.00 0.29 -5.26
C SER C 105 1.79 1.71 -4.82
N LYS C 106 0.72 2.33 -5.28
CA LYS C 106 0.43 3.71 -4.91
C LYS C 106 -0.35 3.80 -3.56
N LYS C 107 -0.70 2.68 -2.97
CA LYS C 107 -1.45 2.68 -1.71
C LYS C 107 -0.56 2.77 -0.47
N GLU C 108 -1.19 2.83 0.69
CA GLU C 108 -0.46 2.93 1.96
C GLU C 108 -0.69 1.72 2.86
N ARG C 109 -1.86 1.12 2.81
CA ARG C 109 -2.15 0.00 3.69
C ARG C 109 -2.94 -1.11 3.02
N ILE C 110 -2.39 -2.31 3.04
CA ILE C 110 -3.03 -3.41 2.33
C ILE C 110 -3.22 -4.64 3.20
N MET C 111 -4.45 -5.11 3.21
CA MET C 111 -4.81 -6.31 3.90
C MET C 111 -5.09 -7.32 2.84
N ILE C 112 -4.34 -8.44 2.88
CA ILE C 112 -4.55 -9.55 1.97
C ILE C 112 -5.10 -10.73 2.72
N ILE C 113 -6.32 -11.11 2.39
CA ILE C 113 -6.90 -12.28 3.04
C ILE C 113 -6.54 -13.47 2.14
N CYS C 114 -5.93 -14.49 2.75
CA CYS C 114 -5.51 -15.67 2.02
C CYS C 114 -6.60 -16.67 2.13
N GLY C 115 -7.30 -16.92 1.03
CA GLY C 115 -8.40 -17.87 1.04
C GLY C 115 -7.85 -19.28 1.23
N ARG C 116 -8.73 -20.20 1.61
CA ARG C 116 -8.35 -21.59 1.86
C ARG C 116 -9.57 -22.42 1.69
N TYR C 117 -9.36 -23.73 1.66
CA TYR C 117 -10.45 -24.68 1.53
C TYR C 117 -11.46 -24.27 0.47
N GLU C 118 -12.74 -24.51 0.78
CA GLU C 118 -13.84 -24.21 -0.13
C GLU C 118 -14.09 -22.71 -0.31
N GLY C 119 -13.24 -21.85 0.25
CA GLY C 119 -13.38 -20.42 0.11
C GLY C 119 -13.76 -19.71 1.40
N VAL C 120 -13.99 -18.40 1.30
CA VAL C 120 -14.40 -17.61 2.47
C VAL C 120 -15.90 -17.27 2.44
N ASP C 121 -16.52 -17.33 3.60
CA ASP C 121 -17.92 -16.92 3.81
C ASP C 121 -18.17 -15.58 3.12
N GLU C 122 -19.22 -15.52 2.33
CA GLU C 122 -19.53 -14.31 1.57
C GLU C 122 -19.71 -13.06 2.38
N ARG C 123 -20.15 -13.22 3.61
CA ARG C 123 -20.35 -12.07 4.49
C ARG C 123 -19.09 -11.23 4.67
N VAL C 124 -17.93 -11.84 4.43
CA VAL C 124 -16.65 -11.17 4.49
C VAL C 124 -16.50 -10.17 3.34
N LYS C 125 -17.13 -10.45 2.20
CA LYS C 125 -16.97 -9.63 1.01
C LYS C 125 -17.35 -8.19 1.23
N LYS C 126 -18.13 -7.95 2.29
CA LYS C 126 -18.59 -6.61 2.63
C LYS C 126 -17.45 -5.66 2.97
N ILE C 127 -16.32 -6.23 3.40
CA ILE C 127 -15.12 -5.45 3.64
C ILE C 127 -14.02 -5.78 2.63
N VAL C 128 -14.35 -6.45 1.55
CA VAL C 128 -13.39 -6.73 0.52
C VAL C 128 -13.44 -5.60 -0.50
N ASP C 129 -12.28 -5.07 -0.86
CA ASP C 129 -12.19 -4.02 -1.84
C ASP C 129 -11.93 -4.58 -3.21
N MET C 130 -11.14 -5.65 -3.27
CA MET C 130 -10.81 -6.26 -4.54
C MET C 130 -10.58 -7.75 -4.39
N GLU C 131 -10.97 -8.49 -5.40
CA GLU C 131 -10.78 -9.92 -5.41
C GLU C 131 -9.93 -10.38 -6.63
N ILE C 132 -8.80 -11.03 -6.39
CA ILE C 132 -7.97 -11.53 -7.50
C ILE C 132 -8.77 -12.52 -8.34
N SER C 133 -9.12 -12.14 -9.57
CA SER C 133 -9.98 -12.96 -10.42
C SER C 133 -9.43 -14.38 -10.60
N LEU C 134 -10.28 -15.28 -11.09
CA LEU C 134 -9.88 -16.65 -11.36
C LEU C 134 -8.65 -16.65 -12.22
N GLY C 135 -7.80 -17.63 -11.99
CA GLY C 135 -6.67 -17.90 -12.85
C GLY C 135 -7.11 -19.21 -13.48
N ASP C 136 -6.21 -19.99 -14.03
CA ASP C 136 -6.62 -21.23 -14.66
C ASP C 136 -6.09 -22.51 -14.00
N PHE C 137 -5.64 -22.43 -12.77
CA PHE C 137 -5.10 -23.63 -12.12
C PHE C 137 -5.46 -23.53 -10.64
N ILE C 138 -5.41 -24.63 -9.91
CA ILE C 138 -5.80 -24.61 -8.53
C ILE C 138 -4.69 -24.79 -7.52
N LEU C 139 -4.64 -23.88 -6.56
CA LEU C 139 -3.74 -23.96 -5.44
C LEU C 139 -4.58 -24.37 -4.23
N SER C 140 -3.93 -24.68 -3.13
CA SER C 140 -4.62 -25.03 -1.90
C SER C 140 -4.87 -23.84 -0.98
N GLY C 141 -4.46 -22.65 -1.38
CA GLY C 141 -4.61 -21.51 -0.51
C GLY C 141 -4.06 -20.27 -1.16
N GLY C 142 -4.28 -19.13 -0.52
CA GLY C 142 -3.94 -17.85 -1.12
C GLY C 142 -2.58 -17.30 -0.81
N GLU C 143 -1.86 -17.95 0.08
CA GLU C 143 -0.53 -17.49 0.45
C GLU C 143 0.36 -17.13 -0.73
N ILE C 144 0.54 -18.07 -1.67
CA ILE C 144 1.46 -17.93 -2.82
C ILE C 144 1.15 -16.67 -3.64
N VAL C 145 -0.14 -16.44 -3.85
CA VAL C 145 -0.63 -15.23 -4.54
C VAL C 145 -0.35 -14.00 -3.73
N ALA C 146 -0.51 -14.08 -2.42
CA ALA C 146 -0.19 -12.95 -1.55
C ALA C 146 1.25 -12.55 -1.70
N LEU C 147 2.15 -13.52 -1.68
CA LEU C 147 3.58 -13.30 -1.85
C LEU C 147 3.88 -12.71 -3.21
N ALA C 148 3.34 -13.30 -4.27
CA ALA C 148 3.45 -12.73 -5.62
C ALA C 148 3.06 -11.26 -5.62
N VAL C 149 1.99 -10.91 -4.90
CA VAL C 149 1.53 -9.53 -4.86
C VAL C 149 2.59 -8.67 -4.19
N ILE C 150 2.89 -9.05 -2.94
CA ILE C 150 3.93 -8.43 -2.14
C ILE C 150 5.23 -8.30 -2.93
N ASP C 151 5.55 -9.33 -3.71
CA ASP C 151 6.76 -9.29 -4.47
C ASP C 151 6.64 -8.24 -5.56
N ALA C 152 5.62 -8.38 -6.41
CA ALA C 152 5.46 -7.47 -7.54
C ALA C 152 5.39 -5.99 -7.10
N VAL C 153 4.58 -5.74 -6.10
CA VAL C 153 4.44 -4.40 -5.60
C VAL C 153 5.78 -3.87 -5.05
N SER C 154 6.44 -4.65 -4.22
CA SER C 154 7.69 -4.21 -3.61
C SER C 154 8.73 -3.74 -4.63
N ARG C 155 8.88 -4.47 -5.72
CA ARG C 155 9.90 -4.13 -6.68
C ARG C 155 9.53 -2.92 -7.56
N VAL C 156 8.27 -2.51 -7.59
CA VAL C 156 7.95 -1.29 -8.36
C VAL C 156 7.89 -0.04 -7.50
N LEU C 157 8.29 -0.16 -6.23
CA LEU C 157 8.32 0.98 -5.32
C LEU C 157 9.63 1.70 -5.53
N PRO C 158 9.56 3.02 -5.58
CA PRO C 158 10.75 3.85 -5.73
C PRO C 158 11.65 3.69 -4.51
N GLY C 159 12.94 3.54 -4.75
CA GLY C 159 13.89 3.42 -3.66
C GLY C 159 14.32 2.01 -3.39
N VAL C 160 13.66 1.04 -4.01
CA VAL C 160 13.96 -0.37 -3.78
C VAL C 160 14.88 -0.80 -4.89
N LEU C 161 14.30 -0.84 -6.07
CA LEU C 161 15.03 -1.12 -7.28
C LEU C 161 15.95 -0.09 -7.89
N SER C 162 17.21 -0.14 -7.47
CA SER C 162 18.27 0.55 -8.16
C SER C 162 17.89 1.04 -9.53
N GLU C 163 18.33 0.37 -10.58
CA GLU C 163 17.80 0.80 -11.83
C GLU C 163 16.97 -0.11 -12.72
N PRO C 164 16.59 -1.31 -12.32
CA PRO C 164 15.70 -2.03 -13.22
C PRO C 164 14.57 -1.13 -13.75
N TYR C 179 14.47 -10.87 -25.34
CA TYR C 179 15.61 -11.49 -26.02
C TYR C 179 16.55 -12.19 -25.01
N PRO C 180 17.27 -13.20 -25.50
CA PRO C 180 18.22 -13.98 -24.72
C PRO C 180 19.35 -13.19 -24.10
N VAL C 181 19.81 -13.62 -22.92
CA VAL C 181 20.89 -12.96 -22.19
C VAL C 181 22.05 -13.91 -21.95
N TYR C 182 23.25 -13.38 -21.81
CA TYR C 182 24.43 -14.21 -21.57
C TYR C 182 25.33 -13.59 -20.53
N THR C 183 26.17 -14.41 -19.92
CA THR C 183 27.07 -13.91 -18.92
C THR C 183 28.46 -14.48 -18.98
N ARG C 184 29.31 -13.89 -18.14
CA ARG C 184 30.76 -14.02 -18.20
C ARG C 184 31.37 -15.21 -18.85
N PRO C 185 31.10 -16.38 -18.34
CA PRO C 185 31.77 -17.52 -18.92
C PRO C 185 31.62 -17.30 -20.43
N ARG C 186 32.72 -16.94 -21.08
CA ARG C 186 32.71 -16.67 -22.53
C ARG C 186 32.41 -17.91 -23.35
N GLU C 187 32.95 -19.02 -22.90
CA GLU C 187 32.71 -20.34 -23.49
C GLU C 187 32.61 -21.41 -22.39
N TYR C 188 31.52 -22.17 -22.39
CA TYR C 188 31.32 -23.21 -21.37
C TYR C 188 30.73 -24.50 -21.94
N ARG C 189 31.34 -25.63 -21.61
CA ARG C 189 30.92 -26.93 -22.14
C ARG C 189 30.86 -26.86 -23.65
N GLY C 190 31.74 -26.06 -24.22
CA GLY C 190 31.79 -25.86 -25.65
C GLY C 190 30.78 -24.87 -26.20
N MET C 191 29.86 -24.43 -25.35
CA MET C 191 28.87 -23.45 -25.79
C MET C 191 29.48 -22.06 -25.65
N LYS C 192 29.42 -21.28 -26.73
CA LYS C 192 30.07 -19.98 -26.76
C LYS C 192 29.11 -18.84 -26.95
N VAL C 193 29.35 -17.77 -26.21
CA VAL C 193 28.49 -16.60 -26.29
C VAL C 193 28.56 -16.04 -27.69
N PRO C 194 27.43 -15.55 -28.19
CA PRO C 194 27.40 -14.91 -29.50
C PRO C 194 28.42 -13.77 -29.57
N GLU C 195 29.43 -13.99 -30.41
CA GLU C 195 30.48 -13.01 -30.70
C GLU C 195 29.95 -11.60 -30.92
N GLU C 196 28.70 -11.47 -31.33
CA GLU C 196 28.08 -10.17 -31.45
C GLU C 196 28.20 -9.44 -30.12
N LEU C 197 27.57 -10.01 -29.10
CA LEU C 197 27.56 -9.43 -27.76
C LEU C 197 28.94 -9.11 -27.15
N LEU C 198 30.04 -9.56 -27.76
CA LEU C 198 31.38 -9.41 -27.13
C LEU C 198 32.28 -8.22 -27.43
N SER C 199 32.16 -7.68 -28.61
CA SER C 199 32.96 -6.57 -29.01
C SER C 199 31.83 -5.61 -29.16
N GLY C 200 32.02 -4.40 -29.63
CA GLY C 200 30.80 -3.68 -29.88
C GLY C 200 30.65 -2.20 -30.05
N HIS C 201 31.75 -1.48 -30.16
CA HIS C 201 31.67 -0.07 -30.48
C HIS C 201 31.23 -0.09 -31.92
N HIS C 202 31.87 -1.01 -32.63
CA HIS C 202 31.56 -1.34 -33.99
C HIS C 202 30.46 -2.40 -33.94
N LYS C 203 29.66 -2.31 -32.88
CA LYS C 203 28.52 -3.18 -32.66
C LYS C 203 27.34 -2.41 -32.03
N LEU C 204 27.58 -1.16 -31.63
CA LEU C 204 26.52 -0.29 -31.10
C LEU C 204 25.17 -0.60 -31.74
N ILE C 205 25.16 -0.67 -33.06
CA ILE C 205 23.95 -0.92 -33.82
C ILE C 205 23.81 -2.39 -34.12
N GLU C 206 24.93 -3.11 -34.14
CA GLU C 206 24.89 -4.55 -34.38
C GLU C 206 24.30 -5.26 -33.16
N LEU C 207 24.80 -4.93 -31.97
CA LEU C 207 24.28 -5.51 -30.73
C LEU C 207 22.80 -5.27 -30.67
N TRP C 208 22.37 -4.19 -31.32
CA TRP C 208 20.96 -3.88 -31.37
C TRP C 208 20.30 -4.68 -32.44
N LYS C 209 21.10 -5.39 -33.24
CA LYS C 209 20.54 -6.26 -34.25
C LYS C 209 20.12 -7.51 -33.52
N LEU C 210 21.06 -8.18 -32.86
CA LEU C 210 20.74 -9.36 -32.06
C LEU C 210 19.46 -9.05 -31.28
N TRP C 211 19.54 -7.97 -30.51
CA TRP C 211 18.43 -7.49 -29.70
C TRP C 211 17.06 -7.69 -30.36
N HIS C 212 16.93 -7.28 -31.61
CA HIS C 212 15.63 -7.36 -32.27
C HIS C 212 15.48 -8.67 -33.03
N ARG C 213 16.46 -8.96 -33.88
CA ARG C 213 16.48 -10.17 -34.67
C ARG C 213 16.16 -11.43 -33.90
N ILE C 214 16.17 -11.32 -32.56
CA ILE C 214 15.89 -12.45 -31.67
C ILE C 214 14.93 -12.07 -30.57
N GLU C 215 14.68 -10.78 -30.37
CA GLU C 215 13.79 -10.37 -29.28
C GLU C 215 12.32 -10.66 -29.60
N ASN C 216 12.01 -10.85 -30.89
CA ASN C 216 10.66 -11.15 -31.37
C ASN C 216 10.37 -12.64 -31.51
N THR C 217 11.41 -13.42 -31.80
CA THR C 217 11.23 -14.85 -32.01
C THR C 217 10.66 -15.43 -30.73
N VAL C 218 11.29 -15.10 -29.61
CA VAL C 218 10.84 -15.57 -28.29
C VAL C 218 9.50 -14.96 -27.82
N LYS C 219 9.01 -13.92 -28.48
CA LYS C 219 7.73 -13.29 -28.12
C LYS C 219 6.51 -13.94 -28.81
N LYS C 220 6.71 -14.51 -29.99
CA LYS C 220 5.61 -15.20 -30.67
C LYS C 220 5.75 -16.69 -30.48
N ARG C 221 6.67 -17.08 -29.59
CA ARG C 221 6.96 -18.47 -29.32
C ARG C 221 7.03 -18.76 -27.82
N PRO C 222 6.11 -18.24 -27.00
CA PRO C 222 5.95 -18.70 -25.61
C PRO C 222 6.02 -20.21 -25.28
N ASP C 223 5.55 -21.10 -26.16
CA ASP C 223 5.61 -22.56 -25.95
C ASP C 223 5.14 -23.33 -27.15
N LEU C 224 5.94 -23.41 -28.20
CA LEU C 224 5.60 -24.30 -29.31
C LEU C 224 4.32 -24.23 -30.13
N ILE C 225 3.86 -25.49 -30.29
CA ILE C 225 2.74 -26.04 -31.04
C ILE C 225 1.61 -26.74 -30.21
N PRO C 226 1.90 -27.55 -29.17
CA PRO C 226 0.82 -28.31 -28.53
C PRO C 226 -0.61 -27.78 -28.50
N LYS C 227 -0.85 -26.73 -27.73
CA LYS C 227 -2.20 -26.23 -27.55
C LYS C 227 -2.44 -25.09 -28.49
N ASP C 228 -1.43 -24.83 -29.30
CA ASP C 228 -1.47 -23.77 -30.28
C ASP C 228 -2.34 -24.20 -31.45
N LEU C 229 -2.51 -25.51 -31.60
CA LEU C 229 -3.31 -26.05 -32.69
C LEU C 229 -4.79 -26.08 -32.32
N THR C 230 -5.10 -25.91 -31.05
CA THR C 230 -6.50 -25.89 -30.59
C THR C 230 -6.97 -24.46 -30.44
N GLU C 231 -6.08 -23.57 -30.00
CA GLU C 231 -6.46 -22.18 -29.79
C GLU C 231 -6.49 -21.46 -31.13
N LEU C 232 -5.37 -21.47 -31.86
CA LEU C 232 -5.34 -20.81 -33.15
C LEU C 232 -6.45 -21.39 -34.00
N GLU C 233 -6.74 -22.66 -33.79
CA GLU C 233 -7.69 -23.38 -34.63
C GLU C 233 -9.10 -23.26 -34.05
N LYS C 234 -9.61 -22.04 -34.08
CA LYS C 234 -10.94 -21.72 -33.57
C LYS C 234 -11.07 -20.21 -33.44
N ASP C 235 -9.94 -19.53 -33.57
CA ASP C 235 -9.87 -18.07 -33.47
C ASP C 235 -11.10 -17.42 -34.10
#